data_5IEG
#
_entry.id   5IEG
#
_cell.length_a   104.321
_cell.length_b   173.311
_cell.length_c   63.032
_cell.angle_alpha   90.00
_cell.angle_beta   90.00
_cell.angle_gamma   90.00
#
_symmetry.space_group_name_H-M   'P 21 21 2'
#
loop_
_entity.id
_entity.type
_entity.pdbx_description
1 polymer 'Neutral alpha-glucosidase AB'
2 polymer 'Glucosidase 2 subunit beta'
3 branched 2-acetamido-2-deoxy-beta-D-glucopyranose-(1-4)-2-acetamido-2-deoxy-beta-D-glucopyranose
4 non-polymer "N-9'-methoxynonyl-1-deoxynojirimycin"
5 non-polymer 'FORMIC ACID'
6 non-polymer 'HEXAETHYLENE GLYCOL'
7 non-polymer 'DIMETHYL SULFOXIDE'
8 non-polymer 'TETRAETHYLENE GLYCOL'
9 non-polymer 'CALCIUM ION'
10 water water
#
loop_
_entity_poly.entity_id
_entity_poly.type
_entity_poly.pdbx_seq_one_letter_code
_entity_poly.pdbx_strand_id
1 'polypeptide(L)'
;VDRSNFKTCDESSFCKRQRSIRPGLSPYRALLDTLQLGPDALTVHLIHEVTKVLLVLELQGLQKNMTRIRIDELEPRRPR
YRVPDVLVADPPTARLSVSGRDDNSVELTVAEGPYKIILTAQPFRLDLLEDRSLLLSVNARGLMAFEHQRAPRVPQESKD
PAEGNGAQPEATPGDGDKPEETQEKAEKDEPGAWEETFKTHSDSKPYGPTSVGLDFSLPGMEHVYGIPEHADSLRLKVTE
GGEPYRLYNLDVFQYELNNPMALYGSVPVLLAHSFHRDLGIFWLNAAETWVDISSNTAGKTLFGKMLDYLQGSGETPQTD
IRWMSESGIIDVFLMLGPSVFDVFRQYASLTGTQALPPLFSLGYHQSRWNYRDEADVLEVDQGFDDHNMPCDVIWLDIEH
ADGKRYFTWDPTRFPQPLNMLEHLASKRRKLVAIVDPHIKVDSGYRVHEELRNHGLYVKTRDGSDYEGWCWPGSASYPDF
TNPRMRAWWSNMFSFDNYEGSAPNLYVWNDMNEPSVFNGPEVTMLKDAVHYGGWEHRDIHNIYGLYVHMATADGLIQRSG
GIERPFVLSRAFFSGSQRFGAVWTGDNTAEWDHLKISIPMCLSLALVGLSFCGADVGGFFKNPEPELLVRWYQMGAYQPF
FRAHAHLDTGRREPWLLASQYQDAIRDALFQRYSLLPFWYTLFYQAHKEGFPVMRPLWVQYPEDMSTFSIEDQFMLGDAL
LIHPVSDAGAHGVQVYLPGQEEVWYDIQSYQKHHGPQTLYLPVTLSSIPVFQRGGTIVPRWMRVRRSSDCMKDDPITLFV
ALSPQGTAQGELFLDDGHTFNYQTRHEFLLRRFSFSGSTLVSSSADPKGHLETPIWIERVVIMGAGKPAAVVLQTKGSPE
SRLSFQHDPETSVLILRKPGVSVASDWSIHLRAS
;
A
2 'polypeptide(L)'
;FYEESKPFTCLDGTATIPFDQVNDDYCDCKDGSDEPGTAACPNGSFHCTNTGYKPLYILSSRVNDGVCDCCDGTDEYNSG
TVCENTCR
;
B
#
# COMPACT_ATOMS: atom_id res chain seq x y z
N VAL A 1 -20.10 -16.73 2.99
CA VAL A 1 -19.96 -16.38 4.40
C VAL A 1 -21.17 -16.88 5.25
N ASP A 2 -20.92 -17.17 6.55
CA ASP A 2 -21.99 -17.53 7.49
C ASP A 2 -22.24 -16.26 8.32
N ARG A 3 -23.24 -15.46 7.93
CA ARG A 3 -23.57 -14.19 8.58
C ARG A 3 -23.98 -14.34 10.04
N SER A 4 -24.51 -15.51 10.44
CA SER A 4 -24.94 -15.77 11.82
C SER A 4 -23.76 -15.80 12.81
N ASN A 5 -22.51 -15.94 12.31
CA ASN A 5 -21.30 -15.95 13.14
C ASN A 5 -20.83 -14.54 13.50
N PHE A 6 -21.41 -13.53 12.85
CA PHE A 6 -21.00 -12.13 13.02
C PHE A 6 -22.15 -11.26 13.42
N LYS A 7 -21.95 -10.44 14.42
CA LYS A 7 -23.01 -9.57 14.94
C LYS A 7 -23.45 -8.50 13.97
N THR A 8 -24.79 -8.34 13.86
CA THR A 8 -25.39 -7.23 13.15
C THR A 8 -25.49 -6.15 14.24
N CYS A 9 -25.79 -4.91 13.87
CA CYS A 9 -25.89 -3.82 14.86
C CYS A 9 -26.85 -4.16 16.00
N ASP A 10 -27.99 -4.80 15.67
CA ASP A 10 -28.99 -5.18 16.69
C ASP A 10 -28.45 -6.21 17.69
N GLU A 11 -27.41 -6.98 17.32
CA GLU A 11 -26.78 -8.01 18.16
C GLU A 11 -25.58 -7.51 18.98
N SER A 12 -25.17 -6.27 18.74
CA SER A 12 -24.10 -5.63 19.49
C SER A 12 -24.85 -4.63 20.39
N SER A 13 -25.02 -4.94 21.70
CA SER A 13 -25.89 -4.10 22.52
C SER A 13 -25.53 -2.62 22.50
N PHE A 14 -24.22 -2.27 22.48
CA PHE A 14 -23.88 -0.85 22.43
C PHE A 14 -24.28 -0.22 21.11
N CYS A 15 -24.19 -0.95 19.98
CA CYS A 15 -24.62 -0.38 18.69
C CYS A 15 -26.14 -0.15 18.73
N LYS A 16 -26.88 -1.14 19.23
CA LYS A 16 -28.33 -1.03 19.34
C LYS A 16 -28.73 0.16 20.21
N ARG A 17 -28.08 0.34 21.38
CA ARG A 17 -28.35 1.50 22.26
C ARG A 17 -28.06 2.81 21.57
N GLN A 18 -26.87 2.96 20.97
CA GLN A 18 -26.50 4.19 20.27
C GLN A 18 -27.40 4.46 19.09
N ARG A 19 -27.60 3.46 18.22
CA ARG A 19 -28.41 3.65 17.00
C ARG A 19 -29.88 3.95 17.29
N SER A 20 -30.41 3.55 18.47
CA SER A 20 -31.80 3.83 18.86
C SER A 20 -32.04 5.32 19.14
N ILE A 21 -30.95 6.09 19.37
CA ILE A 21 -31.04 7.53 19.56
C ILE A 21 -31.26 8.12 18.18
N ARG A 22 -32.37 8.83 18.02
CA ARG A 22 -32.73 9.37 16.73
C ARG A 22 -32.54 10.87 16.70
N PRO A 23 -32.42 11.49 15.48
CA PRO A 23 -32.22 12.96 15.42
C PRO A 23 -33.21 13.73 16.25
N GLY A 24 -32.72 14.77 16.91
CA GLY A 24 -33.52 15.57 17.82
C GLY A 24 -32.68 16.59 18.55
N LEU A 25 -33.27 17.21 19.59
CA LEU A 25 -32.60 18.21 20.40
C LEU A 25 -31.66 17.47 21.35
N SER A 26 -30.35 17.78 21.28
CA SER A 26 -29.38 17.09 22.11
C SER A 26 -29.60 17.40 23.59
N PRO A 27 -29.52 16.40 24.50
CA PRO A 27 -29.61 16.72 25.93
C PRO A 27 -28.32 17.33 26.48
N TYR A 28 -27.25 17.40 25.64
CA TYR A 28 -25.98 17.99 26.07
C TYR A 28 -25.96 19.46 25.88
N ARG A 29 -25.42 20.17 26.87
CA ARG A 29 -25.21 21.60 26.78
C ARG A 29 -23.85 21.95 27.37
N ALA A 30 -23.20 22.98 26.84
CA ALA A 30 -21.91 23.48 27.35
C ALA A 30 -22.22 24.48 28.46
N LEU A 31 -21.46 24.43 29.54
CA LEU A 31 -21.60 25.35 30.67
C LEU A 31 -20.54 26.43 30.45
N LEU A 32 -20.91 27.52 29.78
CA LEU A 32 -19.96 28.58 29.39
C LEU A 32 -19.22 29.26 30.54
N ASP A 33 -19.77 29.21 31.78
CA ASP A 33 -19.07 29.76 32.95
C ASP A 33 -17.78 28.97 33.23
N THR A 34 -17.72 27.70 32.78
CA THR A 34 -16.56 26.82 33.01
C THR A 34 -15.53 26.91 31.90
N LEU A 35 -15.78 27.73 30.87
CA LEU A 35 -14.87 27.88 29.74
C LEU A 35 -13.51 28.44 30.17
N GLN A 36 -12.44 27.77 29.73
CA GLN A 36 -11.06 28.18 29.97
C GLN A 36 -10.32 28.16 28.64
N LEU A 37 -9.61 29.23 28.34
CA LEU A 37 -8.87 29.34 27.10
C LEU A 37 -7.39 29.58 27.35
N GLY A 38 -6.58 28.70 26.77
CA GLY A 38 -5.13 28.79 26.82
C GLY A 38 -4.53 28.86 25.43
N PRO A 39 -3.19 28.96 25.32
CA PRO A 39 -2.57 29.02 23.98
C PRO A 39 -2.72 27.75 23.13
N ASP A 40 -2.83 26.58 23.78
CA ASP A 40 -2.94 25.27 23.11
C ASP A 40 -4.35 24.70 22.99
N ALA A 41 -5.26 25.07 23.89
CA ALA A 41 -6.61 24.52 23.90
C ALA A 41 -7.64 25.41 24.56
N LEU A 42 -8.90 25.13 24.24
CA LEU A 42 -10.06 25.67 24.91
C LEU A 42 -10.65 24.45 25.62
N THR A 43 -11.02 24.60 26.91
CA THR A 43 -11.72 23.53 27.63
C THR A 43 -13.01 24.08 28.19
N VAL A 44 -14.05 23.24 28.28
CA VAL A 44 -15.37 23.64 28.80
C VAL A 44 -16.10 22.40 29.24
N HIS A 45 -16.88 22.51 30.30
CA HIS A 45 -17.65 21.39 30.80
C HIS A 45 -18.94 21.28 29.99
N LEU A 46 -19.38 20.05 29.75
CA LEU A 46 -20.66 19.75 29.11
C LEU A 46 -21.45 18.99 30.14
N ILE A 47 -22.78 19.11 30.11
CA ILE A 47 -23.64 18.36 31.03
C ILE A 47 -24.78 17.71 30.27
N HIS A 48 -25.15 16.47 30.65
CA HIS A 48 -26.32 15.80 30.10
C HIS A 48 -27.49 16.34 30.97
N GLU A 49 -28.49 16.96 30.35
CA GLU A 49 -29.58 17.58 31.13
C GLU A 49 -30.41 16.62 32.01
N VAL A 50 -30.51 15.35 31.63
CA VAL A 50 -31.30 14.39 32.39
C VAL A 50 -30.47 13.71 33.48
N THR A 51 -29.33 13.08 33.09
CA THR A 51 -28.50 12.32 34.03
C THR A 51 -27.62 13.18 34.90
N LYS A 52 -27.34 14.43 34.47
CA LYS A 52 -26.49 15.41 35.15
C LYS A 52 -25.01 15.02 35.11
N VAL A 53 -24.64 14.04 34.24
CA VAL A 53 -23.23 13.62 34.07
C VAL A 53 -22.45 14.78 33.49
N LEU A 54 -21.25 15.06 34.03
CA LEU A 54 -20.38 16.11 33.54
C LEU A 54 -19.27 15.53 32.68
N LEU A 55 -19.03 16.15 31.53
CA LEU A 55 -17.98 15.79 30.59
C LEU A 55 -17.14 17.02 30.40
N VAL A 56 -15.94 16.82 29.86
CA VAL A 56 -15.03 17.89 29.54
C VAL A 56 -14.75 17.83 28.03
N LEU A 57 -14.97 18.97 27.34
CA LEU A 57 -14.60 19.16 25.96
C LEU A 57 -13.24 19.86 25.91
N GLU A 58 -12.26 19.27 25.19
CA GLU A 58 -10.97 19.91 24.92
C GLU A 58 -10.96 20.15 23.42
N LEU A 59 -11.07 21.41 23.03
CA LEU A 59 -11.16 21.87 21.66
C LEU A 59 -9.86 22.53 21.26
N GLN A 60 -9.27 22.07 20.14
CA GLN A 60 -8.00 22.64 19.71
C GLN A 60 -7.95 22.95 18.25
N GLY A 61 -7.41 24.13 17.96
CA GLY A 61 -7.03 24.52 16.63
C GLY A 61 -5.65 23.90 16.44
N LEU A 62 -5.35 23.43 15.25
CA LEU A 62 -4.05 22.82 14.98
C LEU A 62 -3.47 23.43 13.74
N GLN A 63 -2.14 23.41 13.65
CA GLN A 63 -1.42 23.84 12.46
C GLN A 63 -1.87 22.92 11.30
N LYS A 64 -1.75 23.43 10.09
CA LYS A 64 -2.07 22.72 8.86
C LYS A 64 -3.57 22.51 8.68
N ASN A 65 -4.40 23.49 9.10
CA ASN A 65 -5.85 23.44 8.85
C ASN A 65 -6.57 22.25 9.45
N MET A 66 -6.30 21.94 10.71
CA MET A 66 -7.00 20.86 11.37
C MET A 66 -7.59 21.36 12.69
N THR A 67 -8.55 20.61 13.24
CA THR A 67 -9.16 20.87 14.52
C THR A 67 -9.25 19.54 15.23
N ARG A 68 -8.93 19.51 16.52
CA ARG A 68 -9.06 18.31 17.32
C ARG A 68 -10.13 18.54 18.38
N ILE A 69 -11.00 17.54 18.54
CA ILE A 69 -12.07 17.54 19.54
C ILE A 69 -11.89 16.29 20.40
N ARG A 70 -11.74 16.49 21.70
CA ARG A 70 -11.65 15.38 22.64
C ARG A 70 -12.69 15.60 23.72
N ILE A 71 -13.46 14.55 24.03
CA ILE A 71 -14.48 14.58 25.08
C ILE A 71 -14.27 13.40 26.01
N ASP A 72 -14.21 13.66 27.32
CA ASP A 72 -14.04 12.61 28.32
C ASP A 72 -14.89 13.00 29.53
N GLU A 73 -15.10 12.05 30.46
CA GLU A 73 -15.84 12.31 31.69
C GLU A 73 -15.03 13.26 32.56
N LEU A 74 -15.70 14.17 33.28
CA LEU A 74 -15.00 15.10 34.17
C LEU A 74 -14.43 14.35 35.39
N GLU A 75 -15.24 13.45 35.98
CA GLU A 75 -14.82 12.69 37.16
C GLU A 75 -15.12 11.20 36.95
N PRO A 76 -14.28 10.50 36.17
CA PRO A 76 -14.58 9.09 35.90
C PRO A 76 -14.25 8.17 37.07
N ARG A 77 -14.99 7.05 37.17
CA ARG A 77 -14.75 6.00 38.16
C ARG A 77 -13.38 5.37 37.89
N ARG A 78 -13.00 5.29 36.62
CA ARG A 78 -11.73 4.75 36.16
C ARG A 78 -11.33 5.39 34.85
N PRO A 79 -10.03 5.55 34.55
CA PRO A 79 -9.63 6.19 33.29
C PRO A 79 -10.16 5.47 32.04
N ARG A 80 -10.53 6.25 31.02
CA ARG A 80 -10.95 5.71 29.73
C ARG A 80 -9.74 5.61 28.81
N TYR A 81 -9.77 4.62 27.91
CA TYR A 81 -8.67 4.41 26.97
C TYR A 81 -8.47 5.57 26.00
N ARG A 82 -7.21 5.91 25.75
CA ARG A 82 -6.77 6.91 24.77
C ARG A 82 -5.76 6.19 23.89
N VAL A 83 -5.99 6.16 22.57
CA VAL A 83 -5.17 5.34 21.69
C VAL A 83 -3.70 5.72 21.67
N PRO A 84 -2.81 4.80 22.06
CA PRO A 84 -1.37 5.11 21.99
C PRO A 84 -0.73 4.65 20.68
N ASP A 85 0.51 5.11 20.41
CA ASP A 85 1.39 4.66 19.34
C ASP A 85 0.90 4.82 17.89
N VAL A 86 -0.25 5.44 17.67
CA VAL A 86 -0.75 5.66 16.32
C VAL A 86 -0.26 7.02 15.83
N LEU A 87 -0.44 8.06 16.66
CA LEU A 87 0.06 9.41 16.35
C LEU A 87 1.59 9.40 16.41
N VAL A 88 2.25 9.98 15.41
CA VAL A 88 3.73 10.03 15.31
C VAL A 88 4.33 11.17 16.12
N ALA A 89 3.52 12.16 16.50
CA ALA A 89 3.96 13.32 17.27
C ALA A 89 2.78 13.92 18.00
N ASP A 90 3.08 14.84 18.94
CA ASP A 90 2.04 15.61 19.61
C ASP A 90 1.76 16.72 18.58
N PRO A 91 0.55 16.77 17.97
CA PRO A 91 0.34 17.71 16.86
C PRO A 91 0.55 19.18 17.20
N PRO A 92 1.32 19.95 16.40
CA PRO A 92 1.51 21.39 16.70
C PRO A 92 0.18 22.14 16.67
N THR A 93 -0.08 22.93 17.72
CA THR A 93 -1.35 23.64 17.86
C THR A 93 -1.35 25.02 17.21
N ALA A 94 -2.56 25.61 17.08
CA ALA A 94 -2.82 26.95 16.60
C ALA A 94 -3.75 27.58 17.67
N ARG A 95 -3.49 28.85 18.03
CA ARG A 95 -4.20 29.56 19.08
C ARG A 95 -5.62 29.92 18.71
N LEU A 96 -6.56 29.68 19.63
CA LEU A 96 -7.96 30.06 19.46
C LEU A 96 -8.16 31.39 20.21
N SER A 97 -8.77 32.38 19.55
CA SER A 97 -9.07 33.72 20.13
C SER A 97 -10.57 33.93 20.09
N VAL A 98 -11.13 34.48 21.17
CA VAL A 98 -12.57 34.78 21.19
C VAL A 98 -12.82 36.03 20.33
N SER A 99 -13.57 35.89 19.22
CA SER A 99 -13.89 37.02 18.34
C SER A 99 -15.38 37.45 18.45
N GLY A 100 -16.14 36.71 19.28
CA GLY A 100 -17.55 36.96 19.52
C GLY A 100 -18.05 36.12 20.68
N ARG A 101 -18.94 36.68 21.50
CA ARG A 101 -19.45 35.95 22.67
C ARG A 101 -20.76 36.51 23.17
N ASP A 102 -21.75 35.65 23.43
CA ASP A 102 -23.04 36.03 24.02
C ASP A 102 -23.40 34.97 25.07
N ASP A 103 -24.64 34.97 25.58
CA ASP A 103 -25.04 34.00 26.60
C ASP A 103 -25.17 32.57 26.08
N ASN A 104 -25.30 32.37 24.75
CA ASN A 104 -25.44 31.01 24.24
C ASN A 104 -24.42 30.60 23.20
N SER A 105 -23.43 31.45 22.89
CA SER A 105 -22.49 31.16 21.82
C SER A 105 -21.16 31.83 22.03
N VAL A 106 -20.11 31.21 21.50
CA VAL A 106 -18.75 31.74 21.51
C VAL A 106 -18.19 31.51 20.11
N GLU A 107 -17.68 32.57 19.45
CA GLU A 107 -17.04 32.48 18.13
C GLU A 107 -15.55 32.56 18.38
N LEU A 108 -14.79 31.59 17.82
CA LEU A 108 -13.36 31.50 17.99
C LEU A 108 -12.67 31.62 16.66
N THR A 109 -11.59 32.40 16.62
CA THR A 109 -10.78 32.53 15.41
C THR A 109 -9.55 31.68 15.62
N VAL A 110 -9.14 30.94 14.58
CA VAL A 110 -7.96 30.08 14.62
C VAL A 110 -6.81 30.94 14.12
N ALA A 111 -5.79 31.11 14.96
CA ALA A 111 -4.61 31.94 14.67
C ALA A 111 -5.08 33.32 14.15
N GLU A 112 -4.66 33.76 12.96
CA GLU A 112 -5.08 35.05 12.41
C GLU A 112 -6.11 34.87 11.28
N GLY A 113 -6.88 33.78 11.35
CA GLY A 113 -7.88 33.49 10.33
C GLY A 113 -7.28 32.81 9.12
N PRO A 114 -8.09 32.39 8.14
CA PRO A 114 -9.54 32.59 8.00
C PRO A 114 -10.45 31.58 8.72
N TYR A 115 -9.88 30.53 9.34
CA TYR A 115 -10.72 29.52 9.98
C TYR A 115 -11.35 30.03 11.28
N LYS A 116 -12.59 29.65 11.51
CA LYS A 116 -13.34 30.03 12.70
C LYS A 116 -14.14 28.84 13.19
N ILE A 117 -14.40 28.82 14.49
CA ILE A 117 -15.21 27.79 15.14
C ILE A 117 -16.27 28.47 15.96
N ILE A 118 -17.54 28.05 15.80
CA ILE A 118 -18.62 28.58 16.62
C ILE A 118 -19.07 27.49 17.57
N LEU A 119 -18.94 27.76 18.88
CA LEU A 119 -19.42 26.87 19.92
C LEU A 119 -20.80 27.39 20.40
N THR A 120 -21.84 26.57 20.24
CA THR A 120 -23.18 26.90 20.74
C THR A 120 -23.35 26.13 22.02
N ALA A 121 -23.80 26.82 23.09
CA ALA A 121 -23.96 26.16 24.38
C ALA A 121 -25.15 25.22 24.46
N GLN A 122 -26.34 25.71 24.07
CA GLN A 122 -27.56 24.91 24.20
C GLN A 122 -28.41 24.93 22.94
N PRO A 123 -28.62 23.77 22.30
CA PRO A 123 -27.98 22.47 22.55
C PRO A 123 -26.51 22.56 22.10
N PHE A 124 -25.65 21.75 22.71
CA PHE A 124 -24.22 21.74 22.38
C PHE A 124 -24.02 21.47 20.87
N ARG A 125 -23.27 22.34 20.21
CA ARG A 125 -22.96 22.24 18.79
C ARG A 125 -21.63 22.92 18.52
N LEU A 126 -20.91 22.44 17.50
CA LEU A 126 -19.72 23.11 16.98
C LEU A 126 -19.92 23.30 15.49
N ASP A 127 -19.59 24.49 14.99
CA ASP A 127 -19.62 24.78 13.54
C ASP A 127 -18.21 25.21 13.14
N LEU A 128 -17.68 24.62 12.05
CA LEU A 128 -16.34 24.94 11.55
C LEU A 128 -16.49 25.64 10.23
N LEU A 129 -15.92 26.84 10.12
CA LEU A 129 -16.01 27.64 8.90
C LEU A 129 -14.65 28.11 8.41
N GLU A 130 -14.58 28.44 7.12
CA GLU A 130 -13.45 29.15 6.53
C GLU A 130 -14.11 30.45 6.09
N ASP A 131 -13.82 31.54 6.79
CA ASP A 131 -14.42 32.85 6.54
C ASP A 131 -15.96 32.72 6.74
N ARG A 132 -16.75 32.88 5.67
CA ARG A 132 -18.21 32.75 5.72
C ARG A 132 -18.69 31.40 5.17
N SER A 133 -17.79 30.49 4.81
CA SER A 133 -18.19 29.19 4.25
C SER A 133 -18.23 28.15 5.35
N LEU A 134 -19.43 27.59 5.62
CA LEU A 134 -19.60 26.55 6.62
C LEU A 134 -19.06 25.24 6.04
N LEU A 135 -18.07 24.64 6.72
CA LEU A 135 -17.45 23.40 6.25
C LEU A 135 -18.07 22.17 6.85
N LEU A 136 -18.30 22.23 8.17
CA LEU A 136 -18.78 21.08 8.93
CA LEU A 136 -18.90 21.10 8.88
C LEU A 136 -19.47 21.51 10.23
N SER A 137 -20.44 20.75 10.67
CA SER A 137 -21.08 20.94 11.95
C SER A 137 -20.92 19.65 12.74
N VAL A 138 -20.88 19.77 14.07
CA VAL A 138 -20.71 18.64 15.00
C VAL A 138 -21.93 18.65 15.91
N ASN A 139 -22.56 17.48 16.07
CA ASN A 139 -23.77 17.27 16.88
C ASN A 139 -25.00 18.01 16.30
N ALA A 140 -25.01 18.30 14.98
CA ALA A 140 -26.12 19.00 14.32
C ALA A 140 -27.44 18.21 14.42
N ARG A 141 -27.38 16.87 14.41
CA ARG A 141 -28.59 16.04 14.53
C ARG A 141 -28.86 15.58 15.98
N GLY A 142 -28.08 16.12 16.91
CA GLY A 142 -28.19 15.79 18.34
C GLY A 142 -27.96 14.34 18.67
N LEU A 143 -27.01 13.69 17.96
CA LEU A 143 -26.77 12.27 18.15
C LEU A 143 -25.60 11.96 19.07
N MET A 144 -24.97 13.00 19.66
CA MET A 144 -23.91 12.76 20.63
C MET A 144 -24.45 11.87 21.76
N ALA A 145 -23.69 10.85 22.14
CA ALA A 145 -24.06 9.94 23.22
C ALA A 145 -22.82 9.47 23.94
N PHE A 146 -22.74 9.73 25.23
CA PHE A 146 -21.56 9.37 26.01
C PHE A 146 -22.04 8.61 27.22
N GLU A 147 -21.97 7.28 27.17
CA GLU A 147 -22.46 6.48 28.28
C GLU A 147 -21.44 6.53 29.41
N HIS A 148 -21.76 7.19 30.52
CA HIS A 148 -20.83 7.29 31.66
C HIS A 148 -20.61 5.95 32.36
N GLN A 149 -19.45 5.77 32.98
CA GLN A 149 -19.12 4.54 33.71
C GLN A 149 -19.97 4.44 35.01
N ARG A 150 -20.88 3.47 35.08
CA ARG A 150 -21.75 3.24 36.26
C ARG A 150 -21.01 2.34 37.28
N ALA A 151 -21.53 2.18 38.52
CA ALA A 151 -20.89 1.32 39.55
C ALA A 151 -20.66 -0.12 39.02
N PRO A 152 -19.39 -0.60 38.91
CA PRO A 152 -19.16 -1.95 38.36
C PRO A 152 -19.85 -3.09 39.11
N ARG A 153 -20.21 -4.14 38.36
CA ARG A 153 -20.88 -5.34 38.85
C ARG A 153 -20.02 -6.55 38.48
N GLU A 190 -31.33 -1.73 28.56
CA GLU A 190 -31.28 -2.74 29.62
C GLU A 190 -30.77 -4.11 29.13
N PRO A 191 -31.45 -4.85 28.21
CA PRO A 191 -30.91 -6.16 27.80
C PRO A 191 -29.53 -6.09 27.15
N GLY A 192 -28.59 -6.85 27.72
CA GLY A 192 -27.22 -6.92 27.24
C GLY A 192 -26.36 -5.72 27.59
N ALA A 193 -26.84 -4.76 28.42
CA ALA A 193 -26.04 -3.59 28.83
C ALA A 193 -24.86 -4.00 29.72
N TRP A 194 -25.06 -5.03 30.59
CA TRP A 194 -24.03 -5.60 31.45
C TRP A 194 -23.61 -6.94 30.82
N GLU A 195 -23.71 -8.09 31.53
CA GLU A 195 -23.34 -9.41 30.95
C GLU A 195 -24.09 -9.61 29.64
N GLU A 196 -23.40 -10.14 28.63
CA GLU A 196 -23.98 -10.26 27.30
C GLU A 196 -23.46 -11.51 26.62
N THR A 197 -24.36 -12.29 26.00
CA THR A 197 -23.94 -13.53 25.33
C THR A 197 -24.17 -13.41 23.85
N PHE A 198 -23.23 -13.95 23.08
CA PHE A 198 -23.32 -14.02 21.63
C PHE A 198 -23.03 -15.46 21.30
N LYS A 199 -24.06 -16.15 20.79
CA LYS A 199 -24.02 -17.58 20.48
C LYS A 199 -23.76 -18.31 21.82
N THR A 200 -22.59 -18.92 22.02
CA THR A 200 -22.29 -19.58 23.30
C THR A 200 -21.28 -18.80 24.15
N HIS A 201 -20.84 -17.63 23.68
CA HIS A 201 -19.83 -16.83 24.37
C HIS A 201 -20.35 -15.73 25.25
N SER A 202 -20.02 -15.78 26.53
CA SER A 202 -20.48 -14.79 27.50
C SER A 202 -19.41 -13.74 27.79
N ASP A 203 -19.75 -12.48 27.56
CA ASP A 203 -18.90 -11.35 27.89
C ASP A 203 -19.35 -10.91 29.30
N SER A 204 -18.46 -11.02 30.29
CA SER A 204 -18.79 -10.64 31.67
C SER A 204 -18.98 -9.12 31.86
N LYS A 205 -18.49 -8.30 30.90
CA LYS A 205 -18.71 -6.85 30.83
C LYS A 205 -18.65 -6.20 32.23
N PRO A 206 -17.49 -6.23 32.91
CA PRO A 206 -17.44 -5.70 34.29
C PRO A 206 -17.79 -4.23 34.43
N TYR A 207 -17.57 -3.42 33.36
CA TYR A 207 -17.81 -1.99 33.46
C TYR A 207 -19.12 -1.52 32.86
N GLY A 208 -19.93 -2.46 32.37
CA GLY A 208 -21.23 -2.17 31.80
C GLY A 208 -21.22 -1.25 30.58
N PRO A 209 -22.30 -0.49 30.36
CA PRO A 209 -22.37 0.36 29.14
C PRO A 209 -21.47 1.59 29.20
N THR A 210 -20.53 1.73 28.23
CA THR A 210 -19.59 2.85 28.23
C THR A 210 -19.35 3.40 26.81
N SER A 211 -20.30 3.15 25.88
CA SER A 211 -20.09 3.56 24.49
C SER A 211 -20.16 5.07 24.29
N VAL A 212 -19.47 5.53 23.24
CA VAL A 212 -19.40 6.95 22.88
C VAL A 212 -19.75 7.11 21.42
N GLY A 213 -20.37 8.20 21.07
CA GLY A 213 -20.75 8.43 19.69
C GLY A 213 -21.02 9.89 19.43
N LEU A 214 -20.84 10.29 18.17
CA LEU A 214 -21.02 11.69 17.78
C LEU A 214 -21.28 11.76 16.28
N ASP A 215 -22.10 12.74 15.86
CA ASP A 215 -22.40 12.94 14.44
C ASP A 215 -21.76 14.21 13.89
N PHE A 216 -21.52 14.21 12.55
CA PHE A 216 -20.89 15.28 11.80
C PHE A 216 -21.72 15.52 10.55
N SER A 217 -21.89 16.79 10.14
CA SER A 217 -22.64 17.19 8.96
C SER A 217 -21.71 17.84 7.99
N LEU A 218 -21.81 17.44 6.71
CA LEU A 218 -20.94 17.89 5.64
C LEU A 218 -21.74 18.55 4.53
N PRO A 219 -22.12 19.84 4.70
CA PRO A 219 -22.87 20.53 3.64
C PRO A 219 -22.12 20.62 2.31
N GLY A 220 -22.82 20.32 1.23
CA GLY A 220 -22.24 20.34 -0.11
C GLY A 220 -21.54 19.06 -0.50
N MET A 221 -21.44 18.07 0.43
CA MET A 221 -20.79 16.80 0.17
C MET A 221 -21.83 15.72 -0.12
N GLU A 222 -21.67 15.03 -1.25
CA GLU A 222 -22.54 13.93 -1.66
C GLU A 222 -21.73 12.65 -1.84
N HIS A 223 -20.37 12.74 -1.75
CA HIS A 223 -19.50 11.58 -2.00
C HIS A 223 -18.52 11.43 -0.86
N VAL A 224 -18.55 10.25 -0.21
CA VAL A 224 -17.64 9.94 0.90
C VAL A 224 -16.97 8.61 0.65
N TYR A 225 -15.74 8.47 1.18
CA TYR A 225 -14.89 7.32 0.90
C TYR A 225 -14.09 6.94 2.14
N GLY A 226 -13.50 5.74 2.10
CA GLY A 226 -12.59 5.35 3.17
C GLY A 226 -13.16 4.31 4.08
N ILE A 227 -12.90 4.50 5.40
CA ILE A 227 -13.23 3.54 6.46
C ILE A 227 -13.06 2.06 6.00
N PRO A 228 -11.90 1.67 5.41
CA PRO A 228 -11.71 0.25 5.12
C PRO A 228 -11.59 -0.57 6.44
N GLU A 229 -11.77 -1.87 6.43
CA GLU A 229 -11.85 -2.72 5.25
C GLU A 229 -13.22 -3.35 5.05
N HIS A 230 -13.81 -3.09 3.87
CA HIS A 230 -15.10 -3.66 3.47
C HIS A 230 -14.98 -4.08 2.02
N ALA A 231 -15.63 -5.20 1.66
CA ALA A 231 -15.66 -5.65 0.26
C ALA A 231 -16.85 -4.92 -0.33
N ASP A 232 -16.63 -3.62 -0.65
CA ASP A 232 -17.70 -2.76 -1.13
C ASP A 232 -17.18 -1.69 -2.05
N SER A 233 -18.10 -0.90 -2.61
CA SER A 233 -17.82 0.18 -3.53
C SER A 233 -16.91 1.26 -2.94
N LEU A 234 -16.13 1.87 -3.82
CA LEU A 234 -15.22 2.98 -3.44
C LEU A 234 -16.01 4.14 -2.85
N ARG A 235 -17.06 4.57 -3.57
CA ARG A 235 -17.95 5.60 -3.03
C ARG A 235 -18.84 4.88 -2.01
N LEU A 236 -18.77 5.28 -0.75
CA LEU A 236 -19.56 4.60 0.28
C LEU A 236 -21.07 4.84 0.12
N LYS A 237 -21.86 3.82 0.51
CA LYS A 237 -23.30 3.90 0.43
C LYS A 237 -23.92 4.45 1.69
N VAL A 238 -25.14 4.97 1.55
CA VAL A 238 -25.95 5.45 2.68
C VAL A 238 -26.34 4.16 3.44
N THR A 239 -26.36 4.23 4.77
CA THR A 239 -26.62 3.03 5.57
C THR A 239 -28.02 3.01 6.21
N GLU A 240 -28.78 4.09 6.03
CA GLU A 240 -30.14 4.38 6.55
C GLU A 240 -31.08 3.16 6.65
N GLY A 241 -31.27 2.45 5.54
CA GLY A 241 -32.17 1.30 5.49
C GLY A 241 -31.55 -0.06 5.72
N GLY A 242 -30.27 -0.08 6.13
CA GLY A 242 -29.56 -1.32 6.39
C GLY A 242 -28.65 -1.24 7.60
N GLU A 243 -27.50 -1.85 7.46
CA GLU A 243 -26.52 -1.91 8.52
C GLU A 243 -25.54 -0.74 8.43
N PRO A 244 -25.01 -0.24 9.55
CA PRO A 244 -23.92 0.74 9.44
C PRO A 244 -22.65 0.02 8.98
N TYR A 245 -21.65 0.77 8.52
CA TYR A 245 -20.37 0.14 8.22
C TYR A 245 -19.74 -0.24 9.55
N ARG A 246 -19.11 -1.42 9.62
CA ARG A 246 -18.52 -1.88 10.87
C ARG A 246 -16.98 -1.89 10.78
N LEU A 247 -16.34 -1.43 11.84
CA LEU A 247 -14.87 -1.45 11.94
C LEU A 247 -14.51 -2.30 13.14
N TYR A 248 -14.19 -3.57 12.89
CA TYR A 248 -13.80 -4.50 13.95
C TYR A 248 -13.01 -5.58 13.28
N ASN A 249 -11.68 -5.61 13.49
CA ASN A 249 -10.81 -6.56 12.79
C ASN A 249 -11.26 -7.99 13.00
N LEU A 250 -11.73 -8.65 11.93
CA LEU A 250 -12.31 -9.99 12.03
C LEU A 250 -11.87 -10.88 10.87
N ASP A 251 -11.73 -12.17 11.15
CA ASP A 251 -11.39 -13.18 10.15
C ASP A 251 -12.76 -13.73 9.65
N VAL A 252 -13.15 -13.33 8.43
CA VAL A 252 -14.45 -13.68 7.83
C VAL A 252 -14.23 -14.68 6.71
N PHE A 253 -14.46 -15.96 7.00
CA PHE A 253 -14.29 -17.08 6.07
C PHE A 253 -15.27 -16.95 4.91
N GLN A 254 -14.73 -17.01 3.68
CA GLN A 254 -15.50 -16.91 2.44
C GLN A 254 -16.35 -15.62 2.40
N TYR A 255 -15.69 -14.48 2.68
CA TYR A 255 -16.40 -13.23 2.67
C TYR A 255 -17.04 -12.96 1.31
N GLU A 256 -18.17 -12.26 1.36
CA GLU A 256 -18.97 -11.92 0.19
C GLU A 256 -18.83 -10.45 -0.16
N LEU A 257 -19.33 -10.08 -1.34
CA LEU A 257 -19.16 -8.73 -1.86
C LEU A 257 -20.35 -7.82 -1.71
N ASN A 258 -20.08 -6.51 -1.79
CA ASN A 258 -21.02 -5.41 -1.73
C ASN A 258 -21.86 -5.45 -0.46
N ASN A 259 -21.16 -5.47 0.68
CA ASN A 259 -21.83 -5.44 1.96
C ASN A 259 -20.96 -4.75 2.99
N PRO A 260 -21.54 -4.27 4.10
CA PRO A 260 -20.76 -3.52 5.10
C PRO A 260 -20.18 -4.33 6.25
N MET A 261 -20.11 -5.67 6.13
CA MET A 261 -19.55 -6.49 7.21
C MET A 261 -18.07 -6.12 7.44
N ALA A 262 -17.65 -6.11 8.71
CA ALA A 262 -16.27 -5.81 9.05
C ALA A 262 -15.36 -6.89 8.54
N LEU A 263 -14.26 -6.48 7.87
CA LEU A 263 -13.23 -7.42 7.45
C LEU A 263 -11.99 -7.31 8.37
N TYR A 264 -10.80 -7.68 7.88
CA TYR A 264 -9.62 -7.90 8.70
C TYR A 264 -8.96 -6.68 9.31
N GLY A 265 -9.14 -5.53 8.68
CA GLY A 265 -8.53 -4.29 9.11
C GLY A 265 -9.53 -3.19 9.25
N SER A 266 -9.13 -2.12 9.96
CA SER A 266 -10.03 -1.01 10.27
C SER A 266 -9.23 0.27 10.27
N VAL A 267 -9.57 1.23 9.38
CA VAL A 267 -8.88 2.52 9.37
C VAL A 267 -10.00 3.56 9.56
N PRO A 268 -10.13 4.14 10.75
CA PRO A 268 -11.28 5.02 11.00
C PRO A 268 -11.05 6.43 10.48
N VAL A 269 -10.97 6.53 9.15
CA VAL A 269 -10.72 7.77 8.46
C VAL A 269 -11.72 7.82 7.31
N LEU A 270 -12.43 8.93 7.20
CA LEU A 270 -13.41 9.12 6.14
C LEU A 270 -13.05 10.38 5.39
N LEU A 271 -13.02 10.30 4.03
CA LEU A 271 -12.78 11.46 3.17
C LEU A 271 -14.08 11.87 2.49
N ALA A 272 -14.26 13.16 2.32
CA ALA A 272 -15.43 13.71 1.63
C ALA A 272 -14.92 14.61 0.49
N HIS A 273 -15.46 14.39 -0.70
CA HIS A 273 -15.05 15.15 -1.87
C HIS A 273 -16.25 15.82 -2.57
N SER A 274 -16.06 17.06 -2.99
CA SER A 274 -17.00 17.77 -3.86
C SER A 274 -16.16 18.52 -4.88
N PHE A 275 -16.84 19.14 -5.85
CA PHE A 275 -16.19 20.00 -6.84
C PHE A 275 -15.45 21.14 -6.12
N HIS A 276 -15.99 21.63 -5.00
CA HIS A 276 -15.46 22.79 -4.30
C HIS A 276 -14.41 22.53 -3.24
N ARG A 277 -14.45 21.36 -2.57
CA ARG A 277 -13.51 21.15 -1.47
C ARG A 277 -13.38 19.70 -1.11
N ASP A 278 -12.33 19.40 -0.31
CA ASP A 278 -12.05 18.10 0.27
C ASP A 278 -11.91 18.27 1.77
N LEU A 279 -12.46 17.31 2.50
CA LEU A 279 -12.42 17.25 3.96
C LEU A 279 -12.13 15.82 4.38
N GLY A 280 -11.59 15.68 5.59
CA GLY A 280 -11.37 14.37 6.17
C GLY A 280 -11.75 14.34 7.64
N ILE A 281 -12.19 13.18 8.11
CA ILE A 281 -12.56 12.98 9.51
C ILE A 281 -11.77 11.77 9.98
N PHE A 282 -10.95 11.93 11.01
CA PHE A 282 -10.17 10.82 11.59
C PHE A 282 -10.63 10.61 13.04
N TRP A 283 -11.34 9.50 13.27
CA TRP A 283 -11.93 9.12 14.57
C TRP A 283 -10.96 8.19 15.29
N LEU A 284 -10.12 8.78 16.17
CA LEU A 284 -9.08 8.02 16.83
C LEU A 284 -9.62 7.22 18.01
N ASN A 285 -10.08 5.99 17.71
CA ASN A 285 -10.66 5.08 18.68
C ASN A 285 -10.32 3.68 18.22
N ALA A 286 -9.85 2.84 19.15
CA ALA A 286 -9.43 1.47 18.85
C ALA A 286 -10.49 0.41 19.13
N ALA A 287 -11.64 0.82 19.70
CA ALA A 287 -12.70 -0.11 20.04
C ALA A 287 -13.59 -0.41 18.83
N GLU A 288 -14.42 -1.46 18.92
CA GLU A 288 -15.42 -1.77 17.90
C GLU A 288 -16.16 -0.49 17.58
N THR A 289 -16.26 -0.15 16.29
CA THR A 289 -16.86 1.09 15.84
C THR A 289 -17.81 0.84 14.68
N TRP A 290 -18.96 1.49 14.72
CA TRP A 290 -19.97 1.42 13.68
C TRP A 290 -20.12 2.82 13.12
N VAL A 291 -20.29 2.93 11.80
CA VAL A 291 -20.39 4.20 11.10
C VAL A 291 -21.65 4.27 10.24
N ASP A 292 -22.55 5.22 10.57
CA ASP A 292 -23.77 5.43 9.82
C ASP A 292 -23.55 6.62 8.87
N ILE A 293 -24.02 6.47 7.64
CA ILE A 293 -23.89 7.49 6.60
C ILE A 293 -25.31 7.80 6.09
N SER A 294 -25.68 9.06 6.06
CA SER A 294 -27.01 9.43 5.56
C SER A 294 -26.91 10.67 4.68
N SER A 295 -27.85 10.80 3.74
CA SER A 295 -27.90 11.92 2.80
C SER A 295 -29.14 12.77 3.01
N ASN A 296 -29.11 14.01 2.49
CA ASN A 296 -30.19 15.00 2.54
C ASN A 296 -30.20 15.76 1.22
N THR A 316 -27.86 22.75 -0.94
CA THR A 316 -28.70 21.79 -0.23
C THR A 316 -28.11 20.37 -0.11
N PRO A 317 -27.33 19.81 -1.08
CA PRO A 317 -26.82 18.42 -0.90
C PRO A 317 -25.94 18.33 0.34
N GLN A 318 -26.10 17.27 1.14
CA GLN A 318 -25.39 17.13 2.41
C GLN A 318 -25.31 15.68 2.83
N THR A 319 -24.15 15.29 3.38
CA THR A 319 -23.93 13.94 3.92
C THR A 319 -23.64 14.08 5.41
N ASP A 320 -24.31 13.26 6.21
CA ASP A 320 -24.10 13.22 7.65
C ASP A 320 -23.45 11.90 8.00
N ILE A 321 -22.51 11.94 8.96
CA ILE A 321 -21.73 10.78 9.37
C ILE A 321 -21.85 10.64 10.86
N ARG A 322 -22.10 9.44 11.34
CA ARG A 322 -22.19 9.17 12.76
C ARG A 322 -21.24 8.05 13.13
N TRP A 323 -20.41 8.26 14.17
CA TRP A 323 -19.46 7.24 14.63
C TRP A 323 -19.90 6.77 16.00
N MET A 324 -19.89 5.45 16.23
CA MET A 324 -20.34 4.87 17.50
C MET A 324 -19.33 3.84 17.94
N SER A 325 -18.63 4.10 19.06
CA SER A 325 -17.55 3.22 19.54
C SER A 325 -17.86 2.60 20.91
N GLU A 326 -17.42 1.36 21.14
CA GLU A 326 -17.75 0.67 22.39
C GLU A 326 -17.23 1.30 23.67
N SER A 327 -15.99 1.83 23.62
CA SER A 327 -15.34 2.39 24.80
C SER A 327 -14.36 3.47 24.38
N GLY A 328 -13.53 3.90 25.32
CA GLY A 328 -12.56 4.96 25.10
C GLY A 328 -13.19 6.33 25.18
N ILE A 329 -12.49 7.33 24.70
CA ILE A 329 -12.97 8.72 24.68
C ILE A 329 -13.40 9.07 23.27
N ILE A 330 -13.96 10.26 23.11
CA ILE A 330 -14.22 10.81 21.80
C ILE A 330 -12.94 11.56 21.51
N ASP A 331 -12.25 11.20 20.42
CA ASP A 331 -11.02 11.86 20.00
C ASP A 331 -11.11 11.87 18.48
N VAL A 332 -11.35 13.05 17.92
CA VAL A 332 -11.56 13.19 16.49
C VAL A 332 -10.81 14.36 15.91
N PHE A 333 -10.19 14.13 14.73
CA PHE A 333 -9.49 15.17 14.01
C PHE A 333 -10.28 15.53 12.76
N LEU A 334 -10.49 16.81 12.56
CA LEU A 334 -11.19 17.33 11.38
C LEU A 334 -10.11 17.95 10.52
N MET A 335 -9.94 17.42 9.32
CA MET A 335 -8.89 17.78 8.38
C MET A 335 -9.52 18.59 7.28
N LEU A 336 -9.30 19.92 7.29
CA LEU A 336 -10.08 20.82 6.48
C LEU A 336 -9.59 21.10 5.07
N GLY A 337 -8.56 20.38 4.63
CA GLY A 337 -8.09 20.55 3.27
C GLY A 337 -7.47 21.91 3.05
N PRO A 338 -7.88 22.67 1.99
CA PRO A 338 -9.04 22.47 1.08
C PRO A 338 -8.91 21.47 -0.06
N SER A 339 -7.69 21.11 -0.50
CA SER A 339 -7.56 20.14 -1.60
C SER A 339 -7.38 18.73 -1.02
N VAL A 340 -7.56 17.71 -1.86
CA VAL A 340 -7.38 16.34 -1.35
C VAL A 340 -5.94 16.09 -0.96
N PHE A 341 -4.99 16.72 -1.68
CA PHE A 341 -3.56 16.60 -1.34
C PHE A 341 -3.27 17.25 0.02
N ASP A 342 -3.98 18.35 0.35
CA ASP A 342 -3.83 18.98 1.66
C ASP A 342 -4.34 18.02 2.74
N VAL A 343 -5.44 17.29 2.47
CA VAL A 343 -5.97 16.30 3.43
C VAL A 343 -4.96 15.15 3.58
N PHE A 344 -4.36 14.67 2.46
CA PHE A 344 -3.35 13.62 2.58
C PHE A 344 -2.17 14.09 3.47
N ARG A 345 -1.69 15.34 3.30
CA ARG A 345 -0.59 15.88 4.09
C ARG A 345 -0.99 16.00 5.55
N GLN A 346 -2.23 16.44 5.80
CA GLN A 346 -2.76 16.62 7.14
C GLN A 346 -2.76 15.30 7.89
N TYR A 347 -3.34 14.28 7.27
CA TYR A 347 -3.40 12.96 7.87
C TYR A 347 -2.00 12.34 8.06
N ALA A 348 -1.10 12.54 7.07
CA ALA A 348 0.29 12.05 7.17
C ALA A 348 1.03 12.74 8.34
N SER A 349 0.72 14.03 8.61
CA SER A 349 1.36 14.71 9.73
C SER A 349 0.95 14.07 11.07
N LEU A 350 -0.22 13.43 11.10
CA LEU A 350 -0.71 12.81 12.32
C LEU A 350 -0.20 11.39 12.49
N THR A 351 -0.34 10.55 11.45
CA THR A 351 -0.05 9.11 11.58
C THR A 351 1.15 8.60 10.81
N GLY A 352 1.87 9.50 10.16
CA GLY A 352 3.04 9.12 9.39
C GLY A 352 2.74 8.71 7.97
N THR A 353 3.80 8.29 7.27
CA THR A 353 3.70 7.96 5.86
C THR A 353 4.08 6.52 5.61
N GLN A 354 3.78 6.07 4.40
CA GLN A 354 4.09 4.73 3.95
C GLN A 354 5.61 4.47 4.09
N ALA A 355 5.98 3.36 4.74
CA ALA A 355 7.39 2.93 4.87
C ALA A 355 7.88 2.67 3.43
N LEU A 356 9.13 3.04 3.13
CA LEU A 356 9.69 2.86 1.78
C LEU A 356 9.98 1.37 1.59
N PRO A 357 9.25 0.70 0.71
CA PRO A 357 9.50 -0.74 0.55
C PRO A 357 10.88 -0.99 -0.03
N PRO A 358 11.57 -2.05 0.40
CA PRO A 358 12.78 -2.45 -0.33
C PRO A 358 12.30 -2.78 -1.76
N LEU A 359 13.14 -2.47 -2.74
CA LEU A 359 12.76 -2.66 -4.14
C LEU A 359 12.23 -4.06 -4.48
N PHE A 360 12.85 -5.11 -3.95
CA PHE A 360 12.40 -6.47 -4.30
C PHE A 360 10.92 -6.72 -3.99
N SER A 361 10.39 -6.06 -2.93
CA SER A 361 9.01 -6.25 -2.49
C SER A 361 7.99 -5.66 -3.44
N LEU A 362 8.46 -4.82 -4.39
CA LEU A 362 7.65 -4.24 -5.47
C LEU A 362 7.67 -5.14 -6.72
N GLY A 363 8.47 -6.22 -6.70
CA GLY A 363 8.46 -7.19 -7.80
C GLY A 363 7.27 -8.14 -7.66
N TYR A 364 7.35 -9.28 -8.32
CA TYR A 364 6.32 -10.31 -8.29
C TYR A 364 6.65 -11.35 -7.22
N HIS A 365 5.61 -11.73 -6.47
CA HIS A 365 5.68 -12.70 -5.37
C HIS A 365 4.85 -13.95 -5.75
N GLN A 366 5.46 -15.14 -5.62
CA GLN A 366 4.80 -16.40 -5.92
C GLN A 366 4.56 -17.14 -4.62
N SER A 367 3.30 -17.42 -4.34
CA SER A 367 2.88 -18.09 -3.10
C SER A 367 1.78 -19.11 -3.35
N ARG A 368 1.58 -19.97 -2.36
CA ARG A 368 0.43 -20.84 -2.20
C ARG A 368 0.49 -21.48 -0.83
N TRP A 369 -0.62 -22.04 -0.39
CA TRP A 369 -0.67 -22.83 0.82
C TRP A 369 -0.70 -24.28 0.26
N ASN A 370 0.40 -25.02 0.17
CA ASN A 370 1.76 -24.71 0.57
C ASN A 370 2.67 -25.29 -0.45
N TYR A 371 3.87 -24.70 -0.60
CA TYR A 371 4.95 -25.37 -1.32
C TYR A 371 5.37 -26.51 -0.37
N ARG A 372 5.51 -27.71 -0.89
CA ARG A 372 5.64 -28.95 -0.09
C ARG A 372 6.90 -29.09 0.71
N ASP A 373 8.04 -28.74 0.13
CA ASP A 373 9.36 -28.95 0.70
C ASP A 373 10.41 -28.18 -0.08
N GLU A 374 11.69 -28.36 0.29
CA GLU A 374 12.80 -27.66 -0.36
C GLU A 374 12.85 -27.96 -1.84
N ALA A 375 12.64 -29.24 -2.23
CA ALA A 375 12.67 -29.59 -3.64
C ALA A 375 11.57 -28.83 -4.41
N ASP A 376 10.36 -28.69 -3.84
CA ASP A 376 9.27 -27.97 -4.49
C ASP A 376 9.67 -26.48 -4.68
N VAL A 377 10.20 -25.85 -3.62
CA VAL A 377 10.65 -24.44 -3.70
C VAL A 377 11.69 -24.27 -4.80
N LEU A 378 12.67 -25.18 -4.86
CA LEU A 378 13.72 -25.11 -5.86
C LEU A 378 13.19 -25.37 -7.27
N GLU A 379 12.15 -26.22 -7.42
CA GLU A 379 11.55 -26.50 -8.72
C GLU A 379 10.76 -25.28 -9.21
N VAL A 380 10.09 -24.61 -8.28
CA VAL A 380 9.31 -23.40 -8.60
C VAL A 380 10.29 -22.30 -9.05
N ASP A 381 11.36 -22.11 -8.28
CA ASP A 381 12.42 -21.16 -8.64
C ASP A 381 12.95 -21.42 -10.06
N GLN A 382 13.26 -22.71 -10.34
CA GLN A 382 13.80 -23.09 -11.65
C GLN A 382 12.76 -22.95 -12.77
N GLY A 383 11.49 -23.16 -12.45
CA GLY A 383 10.36 -23.01 -13.36
C GLY A 383 10.26 -21.58 -13.91
N PHE A 384 10.45 -20.57 -13.04
CA PHE A 384 10.44 -19.19 -13.52
C PHE A 384 11.55 -18.96 -14.55
N ASP A 385 12.76 -19.47 -14.26
CA ASP A 385 13.89 -19.28 -15.15
C ASP A 385 13.78 -20.06 -16.44
N ASP A 386 13.28 -21.31 -16.38
CA ASP A 386 13.10 -22.11 -17.59
C ASP A 386 12.02 -21.55 -18.52
N HIS A 387 11.07 -20.80 -17.96
CA HIS A 387 9.98 -20.22 -18.75
C HIS A 387 10.11 -18.69 -18.93
N ASN A 388 11.29 -18.13 -18.59
CA ASN A 388 11.59 -16.69 -18.78
C ASN A 388 10.46 -15.83 -18.20
N MET A 389 10.18 -16.04 -16.93
CA MET A 389 9.18 -15.26 -16.20
C MET A 389 9.86 -14.71 -14.96
N PRO A 390 9.87 -13.38 -14.76
CA PRO A 390 10.57 -12.86 -13.57
C PRO A 390 9.77 -13.09 -12.28
N CYS A 391 10.48 -13.16 -11.18
CA CYS A 391 9.89 -13.37 -9.85
C CYS A 391 10.93 -12.97 -8.81
N ASP A 392 10.53 -12.21 -7.80
CA ASP A 392 11.51 -11.83 -6.78
C ASP A 392 11.45 -12.68 -5.53
N VAL A 393 10.25 -13.17 -5.17
CA VAL A 393 10.08 -13.85 -3.89
C VAL A 393 9.23 -15.10 -4.01
N ILE A 394 9.60 -16.15 -3.24
CA ILE A 394 8.81 -17.39 -3.11
C ILE A 394 8.40 -17.46 -1.65
N TRP A 395 7.10 -17.77 -1.41
CA TRP A 395 6.52 -17.73 -0.08
C TRP A 395 6.29 -19.10 0.52
N LEU A 396 6.53 -19.20 1.85
CA LEU A 396 6.30 -20.41 2.64
C LEU A 396 5.19 -20.18 3.63
N ASP A 397 4.06 -20.87 3.39
CA ASP A 397 2.90 -20.78 4.26
C ASP A 397 3.10 -21.74 5.47
N ILE A 398 2.07 -21.91 6.30
CA ILE A 398 2.12 -22.56 7.63
C ILE A 398 2.66 -23.97 7.63
N GLU A 399 2.59 -24.70 6.51
CA GLU A 399 3.11 -26.08 6.49
C GLU A 399 4.63 -26.14 6.55
N HIS A 400 5.35 -24.99 6.40
CA HIS A 400 6.80 -25.06 6.48
C HIS A 400 7.32 -25.25 7.91
N ALA A 401 6.53 -24.86 8.93
CA ALA A 401 6.95 -24.90 10.35
C ALA A 401 6.79 -26.30 10.95
N ASP A 402 7.30 -26.52 12.16
CA ASP A 402 7.09 -27.82 12.83
C ASP A 402 5.70 -27.78 13.50
N GLY A 403 4.69 -28.35 12.85
CA GLY A 403 3.32 -28.39 13.38
C GLY A 403 2.78 -27.05 13.86
N LYS A 404 3.02 -26.00 13.05
CA LYS A 404 2.54 -24.65 13.29
C LYS A 404 3.08 -24.01 14.56
N ARG A 405 4.31 -24.38 14.94
CA ARG A 405 5.08 -23.73 15.98
C ARG A 405 5.87 -22.69 15.18
N TYR A 406 5.55 -21.41 15.31
CA TYR A 406 6.26 -20.41 14.50
C TYR A 406 7.70 -20.23 14.95
N PHE A 407 8.55 -19.78 14.01
CA PHE A 407 10.01 -19.66 14.15
C PHE A 407 10.69 -21.03 14.11
N THR A 408 9.99 -22.08 13.62
CA THR A 408 10.59 -23.42 13.50
C THR A 408 10.45 -23.90 12.05
N TRP A 409 11.05 -25.05 11.76
CA TRP A 409 11.04 -25.64 10.43
C TRP A 409 10.63 -27.09 10.52
N ASP A 410 9.79 -27.55 9.61
CA ASP A 410 9.46 -28.99 9.57
C ASP A 410 10.75 -29.72 9.16
N PRO A 411 11.24 -30.64 10.04
CA PRO A 411 12.52 -31.31 9.78
C PRO A 411 12.53 -32.27 8.59
N THR A 412 11.35 -32.69 8.10
CA THR A 412 11.25 -33.59 6.94
CA THR A 412 11.31 -33.57 6.93
C THR A 412 11.18 -32.76 5.64
N ARG A 413 10.36 -31.69 5.65
CA ARG A 413 10.13 -30.83 4.47
C ARG A 413 11.25 -29.83 4.23
N PHE A 414 11.73 -29.21 5.32
CA PHE A 414 12.77 -28.17 5.30
C PHE A 414 13.91 -28.51 6.26
N PRO A 415 14.68 -29.61 6.00
CA PRO A 415 15.78 -29.97 6.91
C PRO A 415 16.97 -29.00 6.88
N GLN A 416 17.16 -28.28 5.77
CA GLN A 416 18.34 -27.40 5.61
C GLN A 416 17.89 -26.02 5.11
N PRO A 417 17.14 -25.25 5.93
CA PRO A 417 16.65 -23.93 5.45
C PRO A 417 17.75 -22.97 5.01
N LEU A 418 18.91 -22.94 5.69
CA LEU A 418 19.98 -22.03 5.27
C LEU A 418 20.48 -22.36 3.86
N ASN A 419 20.53 -23.65 3.52
CA ASN A 419 20.94 -24.09 2.19
C ASN A 419 19.91 -23.68 1.14
N MET A 420 18.62 -23.81 1.47
CA MET A 420 17.56 -23.42 0.55
C MET A 420 17.67 -21.88 0.30
N LEU A 421 17.87 -21.10 1.37
CA LEU A 421 18.01 -19.65 1.27
C LEU A 421 19.26 -19.25 0.49
N GLU A 422 20.35 -20.00 0.66
CA GLU A 422 21.58 -19.77 -0.12
C GLU A 422 21.30 -20.03 -1.62
N HIS A 423 20.53 -21.10 -1.96
CA HIS A 423 20.19 -21.37 -3.36
CA HIS A 423 20.19 -21.39 -3.36
C HIS A 423 19.37 -20.21 -3.93
N LEU A 424 18.35 -19.73 -3.17
CA LEU A 424 17.57 -18.60 -3.65
C LEU A 424 18.45 -17.34 -3.79
N ALA A 425 19.39 -17.13 -2.83
CA ALA A 425 20.30 -15.98 -2.91
C ALA A 425 21.20 -16.05 -4.15
N SER A 426 21.57 -17.27 -4.59
CA SER A 426 22.40 -17.42 -5.81
C SER A 426 21.63 -17.01 -7.07
N LYS A 427 20.29 -17.10 -7.02
CA LYS A 427 19.37 -16.66 -8.09
C LYS A 427 18.94 -15.19 -7.89
N ARG A 428 19.47 -14.54 -6.81
CA ARG A 428 19.15 -13.16 -6.45
C ARG A 428 17.65 -12.99 -6.15
N ARG A 429 17.12 -13.97 -5.38
CA ARG A 429 15.73 -14.02 -4.96
C ARG A 429 15.65 -14.09 -3.45
N LYS A 430 14.45 -13.84 -2.92
CA LYS A 430 14.18 -13.83 -1.50
C LYS A 430 13.11 -14.87 -1.21
N LEU A 431 12.91 -15.14 0.08
CA LEU A 431 11.83 -16.00 0.54
C LEU A 431 11.07 -15.24 1.63
N VAL A 432 9.79 -15.54 1.77
CA VAL A 432 8.98 -15.00 2.85
C VAL A 432 8.47 -16.18 3.66
N ALA A 433 8.58 -16.11 4.99
CA ALA A 433 8.05 -17.18 5.86
C ALA A 433 6.92 -16.61 6.70
N ILE A 434 5.85 -17.38 6.89
CA ILE A 434 4.73 -16.96 7.72
C ILE A 434 5.08 -17.11 9.22
N VAL A 435 4.71 -16.11 10.02
CA VAL A 435 4.89 -16.04 11.48
C VAL A 435 3.63 -15.41 12.04
N ASP A 436 2.77 -16.24 12.69
CA ASP A 436 1.51 -15.74 13.22
C ASP A 436 1.59 -15.47 14.73
N PRO A 437 0.69 -14.61 15.27
CA PRO A 437 0.72 -14.29 16.71
C PRO A 437 -0.08 -15.25 17.61
N HIS A 438 -0.07 -16.55 17.32
CA HIS A 438 -0.69 -17.54 18.21
C HIS A 438 0.37 -18.59 18.43
N ILE A 439 0.55 -18.96 19.69
CA ILE A 439 1.65 -19.78 20.13
C ILE A 439 1.13 -21.07 20.70
N LYS A 440 1.52 -22.17 20.08
CA LYS A 440 1.06 -23.47 20.56
C LYS A 440 1.43 -23.68 22.03
N VAL A 441 0.44 -24.10 22.84
CA VAL A 441 0.67 -24.42 24.27
C VAL A 441 1.38 -25.77 24.27
N ASP A 442 2.70 -25.74 24.40
CA ASP A 442 3.53 -26.94 24.32
C ASP A 442 4.79 -26.69 25.14
N SER A 443 5.01 -27.49 26.21
CA SER A 443 6.16 -27.29 27.07
C SER A 443 7.51 -27.53 26.38
N GLY A 444 7.50 -28.21 25.23
CA GLY A 444 8.72 -28.44 24.49
C GLY A 444 9.05 -27.33 23.51
N TYR A 445 8.13 -26.35 23.37
CA TYR A 445 8.28 -25.25 22.41
C TYR A 445 8.86 -24.03 23.14
N ARG A 446 10.12 -23.68 22.80
CA ARG A 446 10.86 -22.60 23.50
C ARG A 446 10.13 -21.27 23.54
N VAL A 447 9.46 -20.91 22.46
CA VAL A 447 8.74 -19.64 22.39
C VAL A 447 7.63 -19.64 23.44
N HIS A 448 6.85 -20.75 23.53
CA HIS A 448 5.78 -20.85 24.51
C HIS A 448 6.37 -20.77 25.91
N GLU A 449 7.42 -21.54 26.17
CA GLU A 449 8.02 -21.58 27.50
C GLU A 449 8.49 -20.20 27.94
N GLU A 450 9.14 -19.46 27.06
CA GLU A 450 9.61 -18.11 27.38
C GLU A 450 8.46 -17.14 27.64
N LEU A 451 7.44 -17.14 26.75
CA LEU A 451 6.28 -16.25 26.96
C LEU A 451 5.50 -16.59 28.22
N ARG A 452 5.32 -17.89 28.49
CA ARG A 452 4.62 -18.33 29.69
C ARG A 452 5.44 -17.91 30.92
N ASN A 453 6.77 -18.15 30.92
CA ASN A 453 7.65 -17.84 32.06
C ASN A 453 7.77 -16.35 32.36
N HIS A 454 7.62 -15.52 31.35
CA HIS A 454 7.69 -14.07 31.51
C HIS A 454 6.31 -13.38 31.64
N GLY A 455 5.23 -14.18 31.70
CA GLY A 455 3.86 -13.70 31.83
C GLY A 455 3.45 -12.75 30.70
N LEU A 456 3.90 -13.02 29.47
CA LEU A 456 3.65 -12.10 28.34
C LEU A 456 2.42 -12.40 27.49
N TYR A 457 1.59 -13.34 27.93
CA TYR A 457 0.36 -13.68 27.22
C TYR A 457 -0.80 -12.83 27.66
N VAL A 458 -1.79 -12.70 26.78
CA VAL A 458 -3.07 -12.07 27.12
C VAL A 458 -3.70 -12.97 28.19
N LYS A 459 -4.33 -12.37 29.20
CA LYS A 459 -4.93 -13.11 30.31
C LYS A 459 -6.46 -13.01 30.34
N THR A 460 -7.09 -13.93 31.08
CA THR A 460 -8.53 -13.82 31.30
C THR A 460 -8.63 -13.01 32.61
N ARG A 461 -9.85 -12.65 33.02
CA ARG A 461 -10.07 -11.92 34.29
C ARG A 461 -9.51 -12.60 35.55
N ASP A 462 -9.56 -13.94 35.60
CA ASP A 462 -9.04 -14.69 36.74
C ASP A 462 -7.51 -14.73 36.82
N GLY A 463 -6.83 -14.11 35.85
CA GLY A 463 -5.37 -14.05 35.81
C GLY A 463 -4.67 -15.20 35.11
N SER A 464 -5.41 -16.18 34.60
CA SER A 464 -4.79 -17.28 33.89
C SER A 464 -4.54 -16.87 32.42
N ASP A 465 -3.54 -17.50 31.78
CA ASP A 465 -3.23 -17.21 30.37
C ASP A 465 -4.40 -17.66 29.52
N TYR A 466 -4.89 -16.77 28.63
CA TYR A 466 -6.01 -17.08 27.74
C TYR A 466 -5.56 -18.20 26.81
N GLU A 467 -6.42 -19.19 26.64
CA GLU A 467 -6.14 -20.28 25.73
C GLU A 467 -7.31 -20.42 24.79
N GLY A 468 -7.01 -20.36 23.51
CA GLY A 468 -7.95 -20.60 22.42
C GLY A 468 -7.73 -22.05 22.03
N TRP A 469 -8.78 -22.86 22.17
CA TRP A 469 -8.78 -24.30 21.96
C TRP A 469 -8.85 -24.65 20.47
N CYS A 470 -7.69 -25.11 19.93
CA CYS A 470 -7.30 -25.52 18.56
C CYS A 470 -5.91 -24.94 18.27
N SER A 474 -4.14 -26.47 22.42
CA SER A 474 -4.51 -25.08 22.44
C SER A 474 -3.38 -24.14 22.05
N ALA A 475 -3.71 -22.86 21.97
CA ALA A 475 -2.76 -21.79 21.67
C ALA A 475 -3.03 -20.59 22.55
N SER A 476 -1.96 -19.87 22.89
CA SER A 476 -2.06 -18.64 23.65
C SER A 476 -1.66 -17.46 22.77
N TYR A 477 -2.05 -16.26 23.20
CA TYR A 477 -1.92 -15.05 22.41
C TYR A 477 -1.00 -14.06 23.11
N PRO A 478 0.17 -13.79 22.54
CA PRO A 478 1.07 -12.83 23.19
C PRO A 478 0.42 -11.45 23.27
N ASP A 479 0.66 -10.74 24.36
CA ASP A 479 0.05 -9.43 24.49
C ASP A 479 0.90 -8.39 23.78
N PHE A 480 0.63 -8.20 22.47
CA PHE A 480 1.39 -7.25 21.67
C PHE A 480 1.19 -5.79 22.10
N THR A 481 0.19 -5.50 22.98
CA THR A 481 0.02 -4.12 23.46
C THR A 481 1.10 -3.78 24.53
N ASN A 482 1.76 -4.81 25.07
CA ASN A 482 2.80 -4.62 26.09
C ASN A 482 4.11 -4.29 25.39
N PRO A 483 4.73 -3.11 25.65
CA PRO A 483 5.98 -2.78 24.93
C PRO A 483 7.11 -3.78 25.14
N ARG A 484 7.14 -4.46 26.30
CA ARG A 484 8.17 -5.46 26.60
C ARG A 484 7.95 -6.72 25.76
N MET A 485 6.69 -7.05 25.51
CA MET A 485 6.37 -8.20 24.67
CA MET A 485 6.38 -8.20 24.69
C MET A 485 6.82 -7.93 23.23
N ARG A 486 6.59 -6.70 22.72
CA ARG A 486 7.02 -6.32 21.37
C ARG A 486 8.54 -6.37 21.26
N ALA A 487 9.28 -5.91 22.30
CA ALA A 487 10.74 -5.96 22.33
C ALA A 487 11.23 -7.43 22.26
N TRP A 488 10.58 -8.33 23.02
CA TRP A 488 10.91 -9.75 23.04
C TRP A 488 10.71 -10.33 21.63
N TRP A 489 9.55 -10.00 21.01
CA TRP A 489 9.20 -10.46 19.65
C TRP A 489 10.26 -10.00 18.65
N SER A 490 10.60 -8.72 18.68
CA SER A 490 11.61 -8.17 17.76
CA SER A 490 11.62 -8.14 17.81
C SER A 490 12.95 -8.91 17.92
N ASN A 491 13.37 -9.15 19.17
CA ASN A 491 14.60 -9.84 19.43
C ASN A 491 14.59 -11.31 18.92
N MET A 492 13.40 -11.93 18.82
CA MET A 492 13.24 -13.32 18.33
C MET A 492 13.65 -13.44 16.85
N PHE A 493 13.67 -12.31 16.12
CA PHE A 493 14.07 -12.28 14.71
C PHE A 493 15.58 -12.19 14.50
N SER A 494 16.40 -12.13 15.59
CA SER A 494 17.85 -12.13 15.39
C SER A 494 18.24 -13.44 14.71
N PHE A 495 19.34 -13.43 13.93
CA PHE A 495 19.76 -14.65 13.23
C PHE A 495 20.11 -15.78 14.21
N ASP A 496 20.54 -15.44 15.43
CA ASP A 496 20.86 -16.42 16.47
C ASP A 496 19.59 -17.06 17.07
N ASN A 497 18.52 -16.25 17.24
CA ASN A 497 17.27 -16.75 17.83
C ASN A 497 16.39 -17.46 16.83
N TYR A 498 16.27 -16.91 15.62
CA TYR A 498 15.44 -17.54 14.58
C TYR A 498 16.37 -18.40 13.74
N GLU A 499 16.65 -19.59 14.24
CA GLU A 499 17.56 -20.54 13.58
C GLU A 499 17.05 -20.91 12.20
N GLY A 500 17.93 -20.86 11.20
CA GLY A 500 17.57 -21.17 9.83
C GLY A 500 17.17 -19.95 9.01
N SER A 501 17.10 -18.76 9.65
CA SER A 501 16.78 -17.52 8.94
C SER A 501 18.06 -16.89 8.40
N ALA A 502 17.92 -16.03 7.39
CA ALA A 502 19.04 -15.37 6.74
C ALA A 502 18.57 -14.00 6.20
N PRO A 503 19.49 -13.12 5.76
CA PRO A 503 19.07 -11.78 5.32
C PRO A 503 18.09 -11.75 4.14
N ASN A 504 17.97 -12.85 3.36
CA ASN A 504 17.01 -12.85 2.25
C ASN A 504 15.68 -13.53 2.65
N LEU A 505 15.45 -13.69 3.99
CA LEU A 505 14.19 -14.25 4.53
CA LEU A 505 14.20 -14.23 4.51
C LEU A 505 13.40 -13.08 5.11
N TYR A 506 12.19 -12.86 4.60
CA TYR A 506 11.29 -11.80 5.09
C TYR A 506 10.03 -12.43 5.67
N VAL A 507 9.07 -11.62 6.16
CA VAL A 507 8.01 -12.23 6.99
C VAL A 507 6.60 -11.82 6.64
N TRP A 508 5.68 -12.75 6.89
CA TRP A 508 4.26 -12.55 6.69
C TRP A 508 3.55 -12.80 8.03
N ASN A 509 2.81 -11.79 8.54
CA ASN A 509 1.98 -11.88 9.74
C ASN A 509 0.55 -12.08 9.32
N ASP A 510 0.03 -13.26 9.59
CA ASP A 510 -1.35 -13.56 9.28
C ASP A 510 -2.14 -13.78 10.57
N MET A 511 -3.50 -13.85 10.47
CA MET A 511 -4.44 -14.15 11.57
CA MET A 511 -4.40 -14.18 11.61
C MET A 511 -4.18 -13.22 12.78
N ASN A 512 -3.75 -11.98 12.51
CA ASN A 512 -3.41 -11.06 13.59
C ASN A 512 -4.53 -10.10 13.97
N GLU A 513 -5.80 -10.50 13.71
CA GLU A 513 -6.96 -9.71 14.13
C GLU A 513 -7.08 -9.55 15.68
N PRO A 514 -6.85 -10.57 16.56
CA PRO A 514 -6.38 -11.94 16.31
C PRO A 514 -7.52 -12.88 15.94
N SER A 515 -7.20 -13.87 15.09
CA SER A 515 -8.13 -14.92 14.74
C SER A 515 -8.00 -16.00 15.83
N VAL A 516 -9.13 -16.35 16.48
CA VAL A 516 -9.24 -17.32 17.60
C VAL A 516 -10.37 -18.27 17.16
N PHE A 517 -10.05 -19.49 16.70
N PHE A 517 -10.02 -19.49 16.73
CA PHE A 517 -11.04 -20.43 16.13
CA PHE A 517 -10.94 -20.51 16.18
C PHE A 517 -12.29 -20.66 16.99
C PHE A 517 -12.22 -20.74 16.98
N ASN A 518 -12.13 -20.82 18.31
CA ASN A 518 -13.30 -21.05 19.17
C ASN A 518 -13.80 -19.76 19.85
N GLY A 519 -13.38 -18.59 19.37
CA GLY A 519 -13.78 -17.33 19.99
C GLY A 519 -15.05 -16.75 19.38
N PRO A 520 -15.67 -15.77 20.07
CA PRO A 520 -16.89 -15.13 19.51
C PRO A 520 -16.47 -14.36 18.26
N GLU A 521 -17.17 -14.61 17.14
CA GLU A 521 -16.86 -13.98 15.84
C GLU A 521 -15.43 -14.32 15.41
N VAL A 522 -14.92 -15.48 15.89
CA VAL A 522 -13.60 -16.01 15.53
C VAL A 522 -12.47 -15.05 16.03
N THR A 523 -12.74 -14.31 17.12
CA THR A 523 -11.70 -13.46 17.71
C THR A 523 -11.70 -13.61 19.25
N MET A 524 -10.89 -12.78 19.90
CA MET A 524 -10.67 -12.74 21.34
CA MET A 524 -10.70 -12.78 21.35
C MET A 524 -11.92 -12.31 22.13
N LEU A 525 -12.13 -12.90 23.32
CA LEU A 525 -13.21 -12.51 24.24
C LEU A 525 -13.01 -11.02 24.54
N LYS A 526 -14.13 -10.31 24.64
CA LYS A 526 -14.15 -8.87 24.91
C LYS A 526 -13.53 -8.53 26.27
N ASP A 527 -13.68 -9.43 27.23
CA ASP A 527 -13.25 -9.20 28.62
C ASP A 527 -11.89 -9.82 28.96
N ALA A 528 -11.10 -10.21 27.92
CA ALA A 528 -9.73 -10.63 28.17
C ALA A 528 -8.96 -9.35 28.63
N VAL A 529 -7.86 -9.53 29.35
CA VAL A 529 -7.10 -8.44 29.97
C VAL A 529 -5.72 -8.30 29.38
N HIS A 530 -5.39 -7.05 29.06
CA HIS A 530 -4.13 -6.68 28.45
C HIS A 530 -3.28 -5.79 29.39
N TYR A 531 -2.10 -5.41 28.88
CA TYR A 531 -1.14 -4.55 29.54
C TYR A 531 -1.83 -3.30 30.11
N GLY A 532 -1.52 -2.99 31.36
CA GLY A 532 -2.10 -1.82 32.05
C GLY A 532 -3.49 -2.06 32.61
N GLY A 533 -4.03 -3.26 32.43
CA GLY A 533 -5.36 -3.64 32.90
C GLY A 533 -6.48 -3.33 31.93
N TRP A 534 -6.15 -2.86 30.73
CA TRP A 534 -7.16 -2.57 29.71
C TRP A 534 -7.84 -3.84 29.22
N GLU A 535 -9.13 -3.77 28.88
CA GLU A 535 -9.82 -4.96 28.37
C GLU A 535 -9.54 -5.11 26.88
N HIS A 536 -9.71 -6.32 26.35
CA HIS A 536 -9.59 -6.55 24.90
C HIS A 536 -10.51 -5.61 24.10
N ARG A 537 -11.74 -5.32 24.60
CA ARG A 537 -12.68 -4.44 23.91
C ARG A 537 -12.06 -3.04 23.70
N ASP A 538 -11.18 -2.60 24.59
CA ASP A 538 -10.61 -1.25 24.48
C ASP A 538 -9.57 -1.14 23.37
N ILE A 539 -8.84 -2.24 23.12
CA ILE A 539 -7.67 -2.22 22.25
C ILE A 539 -7.79 -2.99 20.94
N HIS A 540 -8.89 -3.75 20.76
CA HIS A 540 -9.00 -4.71 19.66
C HIS A 540 -8.36 -4.28 18.31
N ASN A 541 -8.77 -3.14 17.76
CA ASN A 541 -8.35 -2.77 16.43
C ASN A 541 -6.88 -2.39 16.27
N ILE A 542 -6.09 -2.27 17.36
CA ILE A 542 -4.66 -2.01 17.23
C ILE A 542 -3.80 -3.25 17.53
N TYR A 543 -4.44 -4.40 17.92
CA TYR A 543 -3.66 -5.60 18.17
C TYR A 543 -2.80 -6.00 16.93
N GLY A 544 -3.45 -6.07 15.76
CA GLY A 544 -2.76 -6.43 14.52
C GLY A 544 -1.62 -5.51 14.15
N LEU A 545 -1.86 -4.23 14.27
CA LEU A 545 -0.86 -3.18 14.01
C LEU A 545 0.40 -3.44 14.89
N TYR A 546 0.20 -3.76 16.18
CA TYR A 546 1.35 -4.00 17.07
C TYR A 546 2.15 -5.23 16.63
N VAL A 547 1.46 -6.27 16.13
CA VAL A 547 2.16 -7.46 15.63
C VAL A 547 3.03 -7.04 14.43
N HIS A 548 2.43 -6.27 13.51
CA HIS A 548 3.09 -5.77 12.30
C HIS A 548 4.31 -4.91 12.64
N MET A 549 4.13 -3.98 13.58
CA MET A 549 5.17 -3.07 14.07
C MET A 549 6.34 -3.88 14.67
N ALA A 550 6.03 -4.82 15.60
CA ALA A 550 7.10 -5.59 16.27
C ALA A 550 7.88 -6.47 15.30
N THR A 551 7.18 -7.06 14.32
CA THR A 551 7.84 -7.88 13.30
C THR A 551 8.77 -7.00 12.44
N ALA A 552 8.27 -5.83 11.95
CA ALA A 552 9.10 -4.91 11.16
C ALA A 552 10.35 -4.52 11.95
N ASP A 553 10.16 -4.19 13.25
CA ASP A 553 11.27 -3.80 14.11
CA ASP A 553 11.26 -3.82 14.13
C ASP A 553 12.27 -4.96 14.25
N GLY A 554 11.77 -6.20 14.32
CA GLY A 554 12.64 -7.36 14.38
C GLY A 554 13.55 -7.49 13.17
N LEU A 555 13.01 -7.24 11.97
CA LEU A 555 13.80 -7.34 10.75
C LEU A 555 14.81 -6.23 10.65
N ILE A 556 14.47 -5.04 11.14
CA ILE A 556 15.42 -3.93 11.16
C ILE A 556 16.56 -4.25 12.15
N GLN A 557 16.20 -4.64 13.38
CA GLN A 557 17.16 -4.94 14.44
C GLN A 557 18.14 -6.07 14.11
N ARG A 558 17.67 -7.16 13.46
CA ARG A 558 18.55 -8.29 13.14
C ARG A 558 19.71 -7.91 12.23
N SER A 559 19.54 -6.83 11.45
CA SER A 559 20.58 -6.36 10.54
C SER A 559 21.43 -5.25 11.17
N GLY A 560 21.22 -4.96 12.45
CA GLY A 560 21.91 -3.84 13.11
C GLY A 560 21.38 -2.48 12.70
N GLY A 561 20.11 -2.45 12.26
CA GLY A 561 19.43 -1.21 11.89
C GLY A 561 19.67 -0.73 10.47
N ILE A 562 20.31 -1.54 9.64
CA ILE A 562 20.69 -1.14 8.28
C ILE A 562 19.65 -1.49 7.21
N GLU A 563 19.08 -2.71 7.27
CA GLU A 563 18.18 -3.21 6.23
C GLU A 563 16.75 -2.78 6.43
N ARG A 564 16.07 -2.36 5.34
CA ARG A 564 14.66 -2.01 5.42
C ARG A 564 13.86 -3.31 5.55
N PRO A 565 12.80 -3.29 6.34
CA PRO A 565 11.99 -4.53 6.51
C PRO A 565 11.05 -4.78 5.34
N PHE A 566 10.52 -6.01 5.26
CA PHE A 566 9.38 -6.29 4.40
C PHE A 566 8.51 -7.20 5.23
N VAL A 567 7.32 -6.71 5.60
CA VAL A 567 6.37 -7.49 6.34
C VAL A 567 4.98 -7.27 5.73
N LEU A 568 4.30 -8.36 5.40
CA LEU A 568 2.90 -8.33 4.97
C LEU A 568 2.03 -8.65 6.19
N SER A 569 0.98 -7.85 6.43
CA SER A 569 0.05 -8.05 7.54
C SER A 569 -1.40 -8.16 7.05
N ARG A 570 -2.21 -9.04 7.68
CA ARG A 570 -3.61 -9.11 7.32
C ARG A 570 -4.43 -8.02 8.03
N ALA A 571 -4.24 -7.89 9.35
CA ALA A 571 -4.96 -6.90 10.14
C ALA A 571 -4.19 -5.58 10.17
N PHE A 572 -4.91 -4.49 10.37
CA PHE A 572 -4.28 -3.17 10.35
C PHE A 572 -5.19 -2.12 10.95
N PHE A 573 -4.61 -0.97 11.19
CA PHE A 573 -5.28 0.22 11.74
C PHE A 573 -4.62 1.46 11.17
N SER A 574 -5.11 2.65 11.53
CA SER A 574 -4.43 3.92 11.21
C SER A 574 -2.96 3.78 11.71
N GLY A 575 -2.01 4.18 10.88
CA GLY A 575 -0.59 4.06 11.23
C GLY A 575 0.07 2.80 10.66
N SER A 576 -0.73 1.80 10.22
CA SER A 576 -0.14 0.55 9.68
C SER A 576 0.73 0.77 8.46
N GLN A 577 0.51 1.89 7.74
CA GLN A 577 1.34 2.21 6.57
C GLN A 577 2.82 2.31 6.94
N ARG A 578 3.12 2.60 8.21
CA ARG A 578 4.51 2.75 8.66
C ARG A 578 5.29 1.42 8.73
N PHE A 579 4.59 0.27 8.60
CA PHE A 579 5.23 -1.02 8.85
C PHE A 579 5.31 -1.98 7.67
N GLY A 580 4.74 -1.66 6.52
CA GLY A 580 4.86 -2.58 5.39
C GLY A 580 3.64 -2.62 4.53
N ALA A 581 3.28 -3.84 4.09
CA ALA A 581 2.20 -4.06 3.15
C ALA A 581 1.01 -4.73 3.85
N VAL A 582 -0.15 -4.65 3.19
CA VAL A 582 -1.39 -5.32 3.63
C VAL A 582 -2.01 -5.94 2.39
N TRP A 583 -2.90 -6.92 2.57
CA TRP A 583 -3.62 -7.48 1.43
C TRP A 583 -5.04 -7.73 1.87
N THR A 584 -5.95 -7.89 0.89
CA THR A 584 -7.38 -7.99 1.18
C THR A 584 -7.85 -9.39 1.65
N GLY A 585 -6.93 -10.20 2.13
CA GLY A 585 -7.28 -11.48 2.73
C GLY A 585 -7.80 -12.56 1.80
N ASP A 586 -8.71 -13.39 2.32
CA ASP A 586 -9.15 -14.60 1.62
C ASP A 586 -10.25 -14.34 0.62
N ASN A 587 -9.86 -13.86 -0.56
CA ASN A 587 -10.81 -13.59 -1.62
C ASN A 587 -11.12 -14.90 -2.37
N THR A 588 -11.88 -14.81 -3.46
CA THR A 588 -12.30 -16.00 -4.20
C THR A 588 -11.98 -15.85 -5.69
N ALA A 589 -11.65 -16.98 -6.34
CA ALA A 589 -11.33 -17.06 -7.77
C ALA A 589 -12.57 -16.87 -8.64
N GLU A 590 -13.09 -15.62 -8.63
CA GLU A 590 -14.29 -15.21 -9.37
C GLU A 590 -14.11 -13.81 -9.95
N TRP A 591 -14.76 -13.54 -11.10
CA TRP A 591 -14.65 -12.24 -11.79
C TRP A 591 -15.03 -11.04 -10.93
N ASP A 592 -16.11 -11.16 -10.11
CA ASP A 592 -16.53 -10.02 -9.28
CA ASP A 592 -16.53 -10.05 -9.26
C ASP A 592 -15.48 -9.75 -8.18
N HIS A 593 -14.72 -10.76 -7.73
CA HIS A 593 -13.63 -10.51 -6.73
C HIS A 593 -12.45 -9.84 -7.45
N LEU A 594 -12.19 -10.19 -8.72
CA LEU A 594 -11.16 -9.47 -9.49
C LEU A 594 -11.53 -7.99 -9.58
N LYS A 595 -12.81 -7.69 -9.91
CA LYS A 595 -13.26 -6.31 -10.03
C LYS A 595 -13.12 -5.55 -8.71
N ILE A 596 -13.47 -6.18 -7.58
CA ILE A 596 -13.50 -5.49 -6.30
C ILE A 596 -12.10 -5.14 -5.75
N SER A 597 -11.03 -5.75 -6.29
CA SER A 597 -9.66 -5.45 -5.87
C SER A 597 -9.38 -3.94 -6.05
N ILE A 598 -9.96 -3.32 -7.12
CA ILE A 598 -9.74 -1.88 -7.36
C ILE A 598 -10.35 -1.03 -6.23
N PRO A 599 -11.70 -1.02 -6.02
CA PRO A 599 -12.23 -0.18 -4.93
C PRO A 599 -11.67 -0.52 -3.54
N MET A 600 -11.35 -1.80 -3.25
CA MET A 600 -10.76 -2.13 -1.94
C MET A 600 -9.37 -1.50 -1.78
N CYS A 601 -8.48 -1.64 -2.77
CA CYS A 601 -7.14 -1.02 -2.61
C CYS A 601 -7.18 0.51 -2.74
N LEU A 602 -8.16 1.06 -3.48
CA LEU A 602 -8.32 2.52 -3.54
C LEU A 602 -8.79 3.07 -2.18
N SER A 603 -9.75 2.36 -1.49
N SER A 603 -9.69 2.34 -1.46
CA SER A 603 -10.24 2.78 -0.17
CA SER A 603 -10.16 2.75 -0.14
C SER A 603 -9.07 2.81 0.83
C SER A 603 -8.97 2.86 0.84
N LEU A 604 -8.12 1.89 0.64
N LEU A 604 -8.04 1.87 0.80
CA LEU A 604 -6.91 1.78 1.47
CA LEU A 604 -6.83 1.85 1.62
C LEU A 604 -5.92 2.90 1.16
C LEU A 604 -5.87 2.96 1.19
N ALA A 605 -5.71 3.19 -0.13
CA ALA A 605 -4.81 4.25 -0.62
C ALA A 605 -5.23 5.61 -0.10
N LEU A 606 -6.55 5.89 -0.10
CA LEU A 606 -7.06 7.18 0.36
C LEU A 606 -6.75 7.46 1.82
N VAL A 607 -6.66 6.38 2.64
CA VAL A 607 -6.41 6.52 4.08
C VAL A 607 -4.96 6.16 4.48
N GLY A 608 -4.06 6.30 3.53
CA GLY A 608 -2.60 6.19 3.73
C GLY A 608 -1.95 4.85 3.53
N LEU A 609 -2.73 3.78 3.27
CA LEU A 609 -2.18 2.44 3.09
C LEU A 609 -1.96 2.17 1.61
N SER A 610 -0.84 2.71 1.11
CA SER A 610 -0.48 2.63 -0.30
C SER A 610 -0.02 1.24 -0.74
N PHE A 611 0.46 0.42 0.17
CA PHE A 611 1.06 -0.87 -0.22
C PHE A 611 0.05 -2.00 -0.01
N CYS A 612 -0.92 -2.06 -0.91
CA CYS A 612 -2.11 -2.93 -0.89
C CYS A 612 -2.15 -3.84 -2.11
N GLY A 613 -2.77 -5.00 -1.97
CA GLY A 613 -3.00 -5.89 -3.09
C GLY A 613 -4.02 -6.93 -2.74
N ALA A 614 -4.41 -7.74 -3.71
CA ALA A 614 -5.36 -8.85 -3.51
C ALA A 614 -4.69 -10.09 -4.12
N ASP A 615 -4.99 -11.29 -3.58
CA ASP A 615 -4.37 -12.52 -4.08
C ASP A 615 -4.67 -12.73 -5.55
N VAL A 616 -3.62 -12.79 -6.34
CA VAL A 616 -3.75 -12.95 -7.80
C VAL A 616 -4.23 -14.38 -8.08
N GLY A 617 -5.36 -14.46 -8.77
CA GLY A 617 -6.04 -15.71 -9.10
C GLY A 617 -7.17 -16.01 -8.12
N GLY A 618 -7.18 -15.31 -6.98
CA GLY A 618 -8.18 -15.55 -5.94
C GLY A 618 -7.68 -16.64 -5.01
N PHE A 619 -7.95 -16.51 -3.71
CA PHE A 619 -7.48 -17.49 -2.72
C PHE A 619 -8.28 -18.79 -2.81
N PHE A 620 -9.59 -18.70 -2.66
CA PHE A 620 -10.47 -19.88 -2.70
C PHE A 620 -10.79 -20.26 -4.12
N LYS A 621 -10.90 -21.57 -4.40
CA LYS A 621 -11.35 -22.12 -5.68
C LYS A 621 -10.30 -22.01 -6.81
N ASN A 622 -10.64 -22.60 -7.97
CA ASN A 622 -9.77 -22.71 -9.13
C ASN A 622 -10.20 -21.75 -10.23
N PRO A 623 -9.37 -20.76 -10.56
CA PRO A 623 -9.76 -19.82 -11.61
C PRO A 623 -9.61 -20.46 -12.98
N GLU A 624 -10.49 -20.12 -13.92
CA GLU A 624 -10.29 -20.62 -15.30
C GLU A 624 -9.04 -19.86 -15.83
N PRO A 625 -8.31 -20.42 -16.85
CA PRO A 625 -7.08 -19.75 -17.34
C PRO A 625 -7.25 -18.30 -17.74
N GLU A 626 -8.39 -17.95 -18.39
CA GLU A 626 -8.67 -16.57 -18.82
C GLU A 626 -8.73 -15.63 -17.60
N LEU A 627 -9.39 -16.09 -16.53
CA LEU A 627 -9.48 -15.27 -15.32
C LEU A 627 -8.09 -15.12 -14.70
N LEU A 628 -7.29 -16.20 -14.65
CA LEU A 628 -5.95 -16.10 -14.08
C LEU A 628 -5.10 -15.06 -14.85
N VAL A 629 -5.20 -15.07 -16.20
CA VAL A 629 -4.50 -14.07 -17.03
C VAL A 629 -4.95 -12.66 -16.67
N ARG A 630 -6.25 -12.41 -16.64
CA ARG A 630 -6.75 -11.06 -16.34
C ARG A 630 -6.35 -10.65 -14.93
N TRP A 631 -6.25 -11.61 -14.01
CA TRP A 631 -5.82 -11.29 -12.65
C TRP A 631 -4.33 -10.94 -12.59
N TYR A 632 -3.49 -11.62 -13.38
CA TYR A 632 -2.08 -11.23 -13.43
C TYR A 632 -1.94 -9.79 -13.98
N GLN A 633 -2.78 -9.43 -14.97
CA GLN A 633 -2.73 -8.12 -15.61
C GLN A 633 -3.14 -7.03 -14.64
N MET A 634 -4.17 -7.28 -13.85
CA MET A 634 -4.69 -6.38 -12.83
C MET A 634 -3.64 -6.25 -11.72
N GLY A 635 -3.15 -7.39 -11.25
CA GLY A 635 -2.16 -7.43 -10.15
C GLY A 635 -0.86 -6.75 -10.53
N ALA A 636 -0.47 -6.87 -11.83
CA ALA A 636 0.75 -6.25 -12.34
C ALA A 636 0.71 -4.72 -12.22
N TYR A 637 -0.48 -4.14 -12.13
CA TYR A 637 -0.65 -2.69 -11.99
C TYR A 637 -1.19 -2.26 -10.60
N GLN A 638 -1.11 -3.16 -9.61
CA GLN A 638 -1.48 -2.88 -8.22
C GLN A 638 -0.23 -2.91 -7.32
N PRO A 639 -0.22 -2.16 -6.19
CA PRO A 639 1.04 -2.02 -5.43
C PRO A 639 1.68 -3.32 -4.90
N PHE A 640 0.90 -4.18 -4.24
CA PHE A 640 1.45 -5.44 -3.69
C PHE A 640 0.99 -6.55 -4.65
N PHE A 641 1.94 -7.21 -5.30
CA PHE A 641 1.66 -8.16 -6.40
C PHE A 641 2.05 -9.59 -6.07
N ARG A 642 1.06 -10.34 -5.54
CA ARG A 642 1.28 -11.71 -5.12
C ARG A 642 0.20 -12.65 -5.59
N ALA A 643 0.60 -13.76 -6.20
CA ALA A 643 -0.30 -14.87 -6.53
C ALA A 643 -0.29 -15.75 -5.28
N HIS A 644 -1.48 -16.20 -4.85
CA HIS A 644 -1.62 -17.03 -3.65
C HIS A 644 -2.87 -17.87 -3.84
N ALA A 645 -2.95 -18.99 -3.13
CA ALA A 645 -4.04 -19.94 -3.34
C ALA A 645 -4.22 -20.82 -2.10
N HIS A 646 -5.47 -21.20 -1.85
CA HIS A 646 -5.88 -22.05 -0.73
C HIS A 646 -5.35 -23.51 -0.86
N LEU A 647 -5.23 -24.21 0.28
CA LEU A 647 -4.71 -25.59 0.40
C LEU A 647 -5.33 -26.58 -0.58
N ASP A 648 -6.63 -26.45 -0.85
CA ASP A 648 -7.36 -27.42 -1.67
C ASP A 648 -7.43 -27.08 -3.17
N THR A 649 -6.71 -26.03 -3.60
CA THR A 649 -6.75 -25.63 -5.02
C THR A 649 -5.71 -26.39 -5.82
N GLY A 650 -5.94 -26.47 -7.12
CA GLY A 650 -4.94 -27.02 -8.04
C GLY A 650 -3.76 -26.08 -8.16
N ARG A 651 -2.59 -26.62 -8.55
CA ARG A 651 -1.38 -25.80 -8.73
C ARG A 651 -1.59 -24.78 -9.82
N ARG A 652 -1.14 -23.53 -9.62
CA ARG A 652 -1.36 -22.53 -10.65
C ARG A 652 -0.13 -21.67 -10.96
N GLU A 653 1.06 -22.27 -10.88
CA GLU A 653 2.28 -21.58 -11.29
C GLU A 653 2.06 -21.28 -12.78
N PRO A 654 2.47 -20.09 -13.24
CA PRO A 654 2.00 -19.61 -14.55
C PRO A 654 2.45 -20.41 -15.77
N TRP A 655 3.54 -21.19 -15.67
CA TRP A 655 3.97 -22.05 -16.78
C TRP A 655 3.16 -23.36 -16.89
N LEU A 656 2.17 -23.59 -16.02
CA LEU A 656 1.35 -24.81 -16.10
C LEU A 656 0.23 -24.69 -17.11
N LEU A 657 -0.01 -23.47 -17.58
CA LEU A 657 -1.08 -23.18 -18.51
C LEU A 657 -0.64 -23.38 -19.95
N ALA A 658 -1.60 -23.41 -20.87
CA ALA A 658 -1.35 -23.49 -22.31
C ALA A 658 -0.57 -22.22 -22.74
N SER A 659 0.25 -22.34 -23.79
CA SER A 659 1.14 -21.29 -24.30
C SER A 659 0.51 -19.90 -24.42
N GLN A 660 -0.74 -19.77 -24.94
CA GLN A 660 -1.37 -18.45 -25.11
C GLN A 660 -1.47 -17.71 -23.77
N TYR A 661 -1.81 -18.45 -22.72
CA TYR A 661 -1.99 -17.92 -21.38
C TYR A 661 -0.64 -17.60 -20.75
N GLN A 662 0.34 -18.50 -20.90
CA GLN A 662 1.72 -18.26 -20.40
C GLN A 662 2.27 -16.97 -21.00
N ASP A 663 2.05 -16.78 -22.30
CA ASP A 663 2.59 -15.61 -23.01
C ASP A 663 1.96 -14.31 -22.51
N ALA A 664 0.65 -14.31 -22.25
CA ALA A 664 -0.03 -13.12 -21.77
C ALA A 664 0.45 -12.80 -20.34
N ILE A 665 0.69 -13.85 -19.54
CA ILE A 665 1.17 -13.65 -18.16
C ILE A 665 2.58 -13.11 -18.17
N ARG A 666 3.45 -13.69 -19.01
CA ARG A 666 4.85 -13.23 -19.15
C ARG A 666 4.85 -11.74 -19.53
N ASP A 667 3.99 -11.34 -20.50
CA ASP A 667 3.85 -9.95 -20.94
C ASP A 667 3.51 -9.04 -19.76
N ALA A 668 2.54 -9.46 -18.93
CA ALA A 668 2.15 -8.66 -17.75
C ALA A 668 3.34 -8.49 -16.79
N LEU A 669 4.07 -9.61 -16.52
CA LEU A 669 5.22 -9.60 -15.62
C LEU A 669 6.32 -8.67 -16.18
N PHE A 670 6.58 -8.75 -17.48
CA PHE A 670 7.57 -7.87 -18.12
C PHE A 670 7.18 -6.40 -17.97
N GLN A 671 5.89 -6.06 -18.14
CA GLN A 671 5.41 -4.67 -17.97
C GLN A 671 5.69 -4.17 -16.56
N ARG A 672 5.35 -4.97 -15.58
CA ARG A 672 5.59 -4.64 -14.17
C ARG A 672 7.09 -4.43 -13.89
N TYR A 673 7.94 -5.40 -14.30
CA TYR A 673 9.36 -5.30 -14.02
C TYR A 673 9.97 -4.06 -14.70
N SER A 674 9.58 -3.80 -15.94
CA SER A 674 10.09 -2.61 -16.64
C SER A 674 9.68 -1.31 -15.96
N LEU A 675 8.51 -1.31 -15.31
CA LEU A 675 8.03 -0.12 -14.60
C LEU A 675 8.57 0.03 -13.17
N LEU A 676 9.45 -0.88 -12.70
CA LEU A 676 9.94 -0.77 -11.32
C LEU A 676 10.53 0.60 -10.94
N PRO A 677 11.29 1.29 -11.81
CA PRO A 677 11.79 2.63 -11.42
C PRO A 677 10.66 3.61 -11.16
N PHE A 678 9.55 3.49 -11.93
CA PHE A 678 8.36 4.33 -11.76
C PHE A 678 7.64 3.99 -10.44
N TRP A 679 7.40 2.70 -10.18
CA TRP A 679 6.80 2.27 -8.92
C TRP A 679 7.62 2.74 -7.72
N TYR A 680 8.94 2.61 -7.80
CA TYR A 680 9.85 2.95 -6.69
C TYR A 680 9.77 4.45 -6.39
N THR A 681 9.72 5.26 -7.46
CA THR A 681 9.60 6.71 -7.33
C THR A 681 8.25 7.10 -6.72
N LEU A 682 7.16 6.45 -7.14
CA LEU A 682 5.85 6.73 -6.53
C LEU A 682 5.87 6.39 -5.03
N PHE A 683 6.52 5.25 -4.67
CA PHE A 683 6.61 4.90 -3.23
C PHE A 683 7.50 5.87 -2.45
N TYR A 684 8.55 6.38 -3.08
CA TYR A 684 9.38 7.41 -2.43
C TYR A 684 8.52 8.66 -2.17
N GLN A 685 7.72 9.07 -3.16
CA GLN A 685 6.82 10.22 -2.98
C GLN A 685 5.77 9.95 -1.89
N ALA A 686 5.29 8.70 -1.77
CA ALA A 686 4.35 8.34 -0.70
C ALA A 686 5.06 8.45 0.66
N HIS A 687 6.31 7.97 0.72
CA HIS A 687 7.10 7.98 1.95
C HIS A 687 7.41 9.42 2.39
N LYS A 688 7.73 10.29 1.44
CA LYS A 688 8.11 11.67 1.78
C LYS A 688 6.93 12.60 2.02
N GLU A 689 5.84 12.46 1.22
CA GLU A 689 4.69 13.38 1.24
C GLU A 689 3.38 12.82 1.79
N GLY A 690 3.22 11.51 1.79
CA GLY A 690 1.99 10.88 2.24
C GLY A 690 0.93 10.82 1.14
N PHE A 691 1.35 10.98 -0.12
CA PHE A 691 0.44 10.92 -1.27
C PHE A 691 0.27 9.47 -1.70
N PRO A 692 -0.96 9.07 -2.05
CA PRO A 692 -1.20 7.66 -2.43
C PRO A 692 -0.54 7.27 -3.75
N VAL A 693 -0.13 6.00 -3.87
CA VAL A 693 0.50 5.48 -5.07
C VAL A 693 -0.60 5.19 -6.11
N MET A 694 -1.59 4.37 -5.74
CA MET A 694 -2.73 4.04 -6.61
C MET A 694 -3.83 5.05 -6.23
N ARG A 695 -4.41 5.71 -7.23
CA ARG A 695 -5.35 6.78 -6.98
C ARG A 695 -6.65 6.71 -7.75
N PRO A 696 -7.76 7.12 -7.12
CA PRO A 696 -9.00 7.25 -7.89
C PRO A 696 -8.84 8.41 -8.89
N LEU A 697 -9.53 8.37 -10.03
CA LEU A 697 -9.44 9.44 -11.02
C LEU A 697 -9.84 10.83 -10.45
N TRP A 698 -10.79 10.89 -9.49
CA TRP A 698 -11.24 12.16 -8.90
C TRP A 698 -10.13 12.89 -8.13
N VAL A 699 -9.11 12.14 -7.67
CA VAL A 699 -7.96 12.76 -7.01
C VAL A 699 -7.20 13.67 -8.01
N GLN A 700 -7.05 13.20 -9.27
CA GLN A 700 -6.37 13.96 -10.33
CA GLN A 700 -6.37 13.96 -10.33
C GLN A 700 -7.33 14.92 -11.05
N TYR A 701 -8.65 14.61 -11.05
CA TYR A 701 -9.66 15.46 -11.72
C TYR A 701 -10.74 15.85 -10.72
N PRO A 702 -10.41 16.69 -9.73
CA PRO A 702 -11.39 16.96 -8.66
C PRO A 702 -12.64 17.69 -9.09
N GLU A 703 -12.62 18.38 -10.22
CA GLU A 703 -13.78 19.12 -10.72
C GLU A 703 -14.58 18.33 -11.73
N ASP A 704 -14.12 17.11 -12.07
CA ASP A 704 -14.86 16.30 -13.01
C ASP A 704 -15.79 15.38 -12.26
N MET A 705 -17.05 15.81 -12.14
CA MET A 705 -18.07 15.06 -11.38
C MET A 705 -18.34 13.66 -11.93
N SER A 706 -18.07 13.42 -13.23
CA SER A 706 -18.25 12.10 -13.82
C SER A 706 -17.21 11.08 -13.28
N THR A 707 -16.10 11.54 -12.63
CA THR A 707 -15.08 10.63 -12.09
C THR A 707 -15.31 10.21 -10.62
N PHE A 708 -16.25 10.86 -9.92
CA PHE A 708 -16.38 10.69 -8.47
C PHE A 708 -16.67 9.28 -7.97
N SER A 709 -17.31 8.43 -8.78
CA SER A 709 -17.62 7.07 -8.36
C SER A 709 -16.87 5.99 -9.14
N ILE A 710 -16.01 6.39 -10.10
CA ILE A 710 -15.32 5.43 -10.94
C ILE A 710 -14.47 4.47 -10.14
N GLU A 711 -14.67 3.17 -10.36
CA GLU A 711 -13.89 2.13 -9.68
C GLU A 711 -13.47 0.97 -10.62
N ASP A 712 -13.62 1.14 -11.95
CA ASP A 712 -13.17 0.10 -12.90
C ASP A 712 -11.89 0.57 -13.60
N GLN A 713 -11.35 1.70 -13.12
CA GLN A 713 -10.10 2.26 -13.59
C GLN A 713 -9.45 3.06 -12.48
N PHE A 714 -8.15 3.29 -12.59
CA PHE A 714 -7.43 4.05 -11.58
C PHE A 714 -6.17 4.64 -12.19
N MET A 715 -5.51 5.51 -11.42
CA MET A 715 -4.25 6.07 -11.87
C MET A 715 -3.11 5.65 -10.97
N LEU A 716 -1.90 5.60 -11.53
CA LEU A 716 -0.67 5.40 -10.77
C LEU A 716 0.04 6.76 -10.83
N GLY A 717 0.13 7.43 -9.69
CA GLY A 717 0.66 8.80 -9.64
C GLY A 717 -0.21 9.70 -10.51
N ASP A 718 0.39 10.65 -11.22
CA ASP A 718 -0.33 11.52 -12.16
C ASP A 718 -0.06 11.08 -13.62
N ALA A 719 0.64 9.93 -13.82
CA ALA A 719 1.15 9.61 -15.17
C ALA A 719 0.47 8.48 -15.91
N LEU A 720 -0.01 7.44 -15.23
CA LEU A 720 -0.59 6.31 -15.96
C LEU A 720 -2.02 6.08 -15.55
N LEU A 721 -2.88 5.84 -16.54
CA LEU A 721 -4.30 5.54 -16.29
C LEU A 721 -4.47 4.11 -16.74
N ILE A 722 -5.03 3.29 -15.88
CA ILE A 722 -5.14 1.85 -16.11
C ILE A 722 -6.61 1.44 -16.11
N HIS A 723 -7.07 0.68 -17.13
CA HIS A 723 -8.44 0.11 -17.14
C HIS A 723 -8.29 -1.40 -17.43
N PRO A 724 -7.98 -2.22 -16.43
CA PRO A 724 -7.77 -3.65 -16.69
C PRO A 724 -9.04 -4.34 -17.18
N VAL A 725 -8.88 -5.35 -18.04
CA VAL A 725 -10.04 -6.11 -18.53
C VAL A 725 -10.51 -6.96 -17.36
N SER A 726 -11.82 -6.92 -17.04
CA SER A 726 -12.31 -7.69 -15.90
C SER A 726 -13.63 -8.42 -16.15
N ASP A 727 -13.86 -8.84 -17.40
CA ASP A 727 -15.01 -9.67 -17.76
C ASP A 727 -14.54 -10.79 -18.68
N ALA A 728 -15.11 -12.00 -18.50
CA ALA A 728 -14.77 -13.13 -19.37
C ALA A 728 -15.31 -12.80 -20.77
N GLY A 729 -14.54 -13.16 -21.79
CA GLY A 729 -14.93 -12.97 -23.20
C GLY A 729 -15.04 -11.53 -23.67
N ALA A 730 -14.37 -10.60 -22.96
CA ALA A 730 -14.41 -9.18 -23.36
C ALA A 730 -13.59 -8.96 -24.63
N HIS A 731 -14.11 -8.19 -25.58
CA HIS A 731 -13.36 -7.87 -26.80
C HIS A 731 -13.01 -6.39 -26.89
N GLY A 732 -13.48 -5.65 -25.91
CA GLY A 732 -13.20 -4.22 -25.78
C GLY A 732 -13.57 -3.73 -24.39
N VAL A 733 -13.07 -2.55 -24.04
CA VAL A 733 -13.38 -1.89 -22.76
C VAL A 733 -13.72 -0.41 -23.04
N GLN A 734 -14.64 0.16 -22.24
CA GLN A 734 -14.98 1.58 -22.31
C GLN A 734 -14.01 2.29 -21.37
N VAL A 735 -13.08 3.07 -21.93
CA VAL A 735 -12.08 3.79 -21.13
C VAL A 735 -12.44 5.26 -21.02
N TYR A 736 -12.66 5.77 -19.82
CA TYR A 736 -12.88 7.20 -19.70
C TYR A 736 -11.51 7.91 -19.53
N LEU A 737 -11.19 8.80 -20.48
CA LEU A 737 -9.97 9.60 -20.53
C LEU A 737 -10.37 11.02 -20.17
N PRO A 738 -10.14 11.44 -18.93
CA PRO A 738 -10.59 12.77 -18.51
C PRO A 738 -9.65 13.90 -18.92
N GLY A 739 -10.04 15.12 -18.61
CA GLY A 739 -9.22 16.31 -18.76
C GLY A 739 -9.54 17.18 -19.93
N GLN A 740 -10.03 18.38 -19.67
CA GLN A 740 -10.41 19.36 -20.70
C GLN A 740 -9.33 19.71 -21.72
N GLU A 741 -8.09 19.90 -21.32
CA GLU A 741 -7.06 20.24 -22.32
C GLU A 741 -5.93 19.22 -22.20
N GLU A 742 -6.32 17.98 -21.95
CA GLU A 742 -5.40 16.87 -21.71
C GLU A 742 -5.30 15.97 -22.92
N VAL A 743 -4.15 15.31 -23.09
CA VAL A 743 -3.97 14.27 -24.10
C VAL A 743 -3.45 13.03 -23.40
N TRP A 744 -3.77 11.89 -23.95
CA TRP A 744 -3.41 10.57 -23.43
C TRP A 744 -2.81 9.75 -24.54
N TYR A 745 -1.74 9.02 -24.23
CA TYR A 745 -1.12 8.13 -25.22
C TYR A 745 -1.32 6.68 -24.85
N ASP A 746 -1.88 5.88 -25.78
CA ASP A 746 -2.02 4.44 -25.61
C ASP A 746 -0.56 3.93 -25.60
N ILE A 747 -0.12 3.35 -24.48
CA ILE A 747 1.30 2.98 -24.37
C ILE A 747 1.75 1.85 -25.30
N GLN A 748 0.81 1.10 -25.87
CA GLN A 748 1.16 0.03 -26.80
C GLN A 748 1.28 0.52 -28.24
N SER A 749 0.27 1.27 -28.70
CA SER A 749 0.19 1.77 -30.07
C SER A 749 0.77 3.16 -30.29
N TYR A 750 0.94 3.94 -29.20
CA TYR A 750 1.37 5.34 -29.22
C TYR A 750 0.29 6.28 -29.77
N GLN A 751 -0.94 5.77 -30.02
CA GLN A 751 -2.04 6.60 -30.50
C GLN A 751 -2.41 7.64 -29.44
N LYS A 752 -2.54 8.90 -29.86
CA LYS A 752 -2.88 10.01 -28.99
C LYS A 752 -4.38 10.21 -28.97
N HIS A 753 -4.93 10.42 -27.77
CA HIS A 753 -6.36 10.65 -27.57
C HIS A 753 -6.56 11.93 -26.75
N HIS A 754 -7.47 12.80 -27.20
CA HIS A 754 -7.81 14.04 -26.50
C HIS A 754 -8.91 13.80 -25.48
N GLY A 755 -8.74 14.35 -24.28
CA GLY A 755 -9.77 14.26 -23.27
C GLY A 755 -10.71 15.46 -23.39
N PRO A 756 -11.88 15.44 -22.73
CA PRO A 756 -12.46 14.30 -22.04
C PRO A 756 -13.21 13.45 -23.07
N GLN A 757 -13.08 12.14 -22.98
CA GLN A 757 -13.83 11.24 -23.86
C GLN A 757 -13.91 9.85 -23.28
N THR A 758 -14.91 9.06 -23.74
CA THR A 758 -15.02 7.65 -23.42
C THR A 758 -14.63 6.94 -24.71
N LEU A 759 -13.51 6.23 -24.67
CA LEU A 759 -12.94 5.51 -25.81
C LEU A 759 -13.30 4.02 -25.71
N TYR A 760 -13.84 3.43 -26.80
CA TYR A 760 -14.05 1.98 -26.78
C TYR A 760 -12.81 1.34 -27.38
N LEU A 761 -11.98 0.75 -26.52
CA LEU A 761 -10.71 0.20 -26.93
C LEU A 761 -10.81 -1.29 -27.16
N PRO A 762 -10.42 -1.79 -28.35
CA PRO A 762 -10.43 -3.25 -28.57
C PRO A 762 -9.33 -3.92 -27.75
N VAL A 763 -9.62 -5.12 -27.25
CA VAL A 763 -8.66 -5.90 -26.47
C VAL A 763 -8.60 -7.35 -26.92
N THR A 764 -7.44 -7.96 -26.69
CA THR A 764 -7.15 -9.37 -26.88
C THR A 764 -6.76 -9.89 -25.47
N LEU A 765 -6.46 -11.19 -25.38
CA LEU A 765 -6.05 -11.82 -24.14
C LEU A 765 -4.83 -11.15 -23.50
N SER A 766 -3.89 -10.67 -24.35
CA SER A 766 -2.64 -10.08 -23.85
C SER A 766 -2.74 -8.58 -23.58
N SER A 767 -3.90 -7.97 -23.86
CA SER A 767 -4.08 -6.51 -23.66
C SER A 767 -4.20 -6.11 -22.21
N ILE A 768 -3.50 -5.02 -21.87
CA ILE A 768 -3.63 -4.34 -20.57
C ILE A 768 -3.84 -2.87 -20.94
N PRO A 769 -5.09 -2.38 -20.91
CA PRO A 769 -5.35 -0.97 -21.33
C PRO A 769 -4.69 0.04 -20.38
N VAL A 770 -3.62 0.66 -20.88
CA VAL A 770 -2.82 1.62 -20.09
C VAL A 770 -2.55 2.82 -20.98
N PHE A 771 -2.72 4.00 -20.42
CA PHE A 771 -2.49 5.27 -21.12
C PHE A 771 -1.57 6.15 -20.30
N GLN A 772 -0.61 6.79 -20.99
CA GLN A 772 0.27 7.75 -20.32
C GLN A 772 -0.27 9.16 -20.56
N ARG A 773 -0.33 9.96 -19.51
CA ARG A 773 -0.84 11.31 -19.59
C ARG A 773 0.17 12.24 -20.25
N GLY A 774 -0.31 13.09 -21.16
CA GLY A 774 0.54 14.14 -21.71
C GLY A 774 1.03 15.02 -20.59
N GLY A 775 2.29 15.43 -20.66
CA GLY A 775 2.92 16.23 -19.62
C GLY A 775 3.72 15.43 -18.61
N THR A 776 3.91 14.12 -18.85
CA THR A 776 4.64 13.27 -17.91
C THR A 776 5.83 12.56 -18.52
N ILE A 777 6.74 12.14 -17.66
CA ILE A 777 7.94 11.41 -18.05
C ILE A 777 8.02 10.21 -17.12
N VAL A 778 7.94 9.03 -17.72
CA VAL A 778 7.96 7.77 -16.99
C VAL A 778 9.29 7.04 -17.22
N PRO A 779 10.01 6.69 -16.15
CA PRO A 779 11.29 5.97 -16.33
C PRO A 779 11.06 4.43 -16.31
N ARG A 780 11.76 3.69 -17.19
CA ARG A 780 11.62 2.24 -17.22
C ARG A 780 12.99 1.57 -17.33
N TRP A 781 13.05 0.31 -16.88
CA TRP A 781 14.22 -0.56 -17.10
C TRP A 781 13.75 -1.49 -18.22
N MET A 782 14.18 -1.24 -19.47
CA MET A 782 13.68 -2.06 -20.58
C MET A 782 14.34 -3.46 -20.66
N ARG A 783 15.44 -3.68 -19.94
CA ARG A 783 16.15 -4.96 -19.93
C ARG A 783 15.58 -5.82 -18.81
N VAL A 784 14.53 -6.57 -19.12
CA VAL A 784 13.85 -7.39 -18.11
C VAL A 784 14.68 -8.61 -17.78
N ARG A 785 15.03 -8.76 -16.51
CA ARG A 785 15.83 -9.90 -16.05
C ARG A 785 14.99 -10.76 -15.09
N ARG A 786 15.60 -11.73 -14.42
CA ARG A 786 14.83 -12.70 -13.62
C ARG A 786 14.31 -12.20 -12.29
N SER A 787 14.89 -11.10 -11.75
CA SER A 787 14.47 -10.53 -10.47
C SER A 787 14.94 -9.08 -10.43
N SER A 788 14.39 -8.30 -9.52
CA SER A 788 14.73 -6.89 -9.44
C SER A 788 16.19 -6.68 -9.04
N ASP A 789 16.77 -7.55 -8.17
CA ASP A 789 18.19 -7.38 -7.79
C ASP A 789 19.09 -7.41 -9.04
N CYS A 790 18.75 -8.26 -10.01
CA CYS A 790 19.51 -8.38 -11.25
C CYS A 790 19.48 -7.06 -12.05
N MET A 791 18.35 -6.31 -11.96
CA MET A 791 18.08 -5.11 -12.76
C MET A 791 18.45 -3.77 -12.12
N LYS A 792 18.67 -3.77 -10.81
CA LYS A 792 18.71 -2.51 -10.08
C LYS A 792 19.92 -1.58 -10.39
N ASP A 793 20.89 -2.04 -11.18
CA ASP A 793 22.03 -1.21 -11.62
C ASP A 793 21.98 -0.95 -13.14
N ASP A 794 20.89 -1.32 -13.79
CA ASP A 794 20.75 -1.19 -15.25
C ASP A 794 20.37 0.21 -15.77
N PRO A 795 20.63 0.44 -17.08
CA PRO A 795 20.28 1.74 -17.68
C PRO A 795 18.78 1.92 -17.83
N ILE A 796 18.39 3.18 -17.80
CA ILE A 796 17.01 3.64 -17.85
C ILE A 796 16.63 4.17 -19.24
N THR A 797 15.39 3.94 -19.62
CA THR A 797 14.74 4.51 -20.79
C THR A 797 13.67 5.50 -20.27
N LEU A 798 13.70 6.75 -20.75
CA LEU A 798 12.72 7.74 -20.34
C LEU A 798 11.63 7.83 -21.41
N PHE A 799 10.37 7.71 -20.99
CA PHE A 799 9.20 7.77 -21.88
C PHE A 799 8.56 9.13 -21.66
N VAL A 800 8.75 10.05 -22.61
CA VAL A 800 8.31 11.43 -22.51
C VAL A 800 7.01 11.57 -23.30
N ALA A 801 5.93 11.88 -22.61
CA ALA A 801 4.64 12.06 -23.26
C ALA A 801 4.36 13.57 -23.30
N LEU A 802 4.43 14.19 -24.48
CA LEU A 802 4.26 15.63 -24.56
C LEU A 802 2.82 16.09 -24.38
N SER A 803 2.65 17.14 -23.58
CA SER A 803 1.36 17.81 -23.39
C SER A 803 1.06 18.59 -24.70
N PRO A 804 -0.17 19.12 -24.89
CA PRO A 804 -0.46 19.92 -26.09
C PRO A 804 0.44 21.18 -26.20
N GLN A 805 1.00 21.63 -25.07
CA GLN A 805 1.94 22.78 -25.02
C GLN A 805 3.41 22.36 -25.29
N GLY A 806 3.63 21.07 -25.56
CA GLY A 806 4.96 20.54 -25.85
C GLY A 806 5.86 20.49 -24.62
N THR A 807 5.28 20.16 -23.48
CA THR A 807 6.00 20.08 -22.21
C THR A 807 5.75 18.74 -21.53
N ALA A 808 6.63 18.41 -20.58
CA ALA A 808 6.52 17.21 -19.76
C ALA A 808 7.47 17.26 -18.60
N GLN A 809 7.11 16.59 -17.51
CA GLN A 809 7.99 16.47 -16.36
C GLN A 809 7.78 15.16 -15.64
N GLY A 810 8.81 14.74 -14.92
CA GLY A 810 8.71 13.52 -14.12
C GLY A 810 9.93 13.38 -13.24
N GLU A 811 9.82 12.61 -12.18
CA GLU A 811 10.94 12.41 -11.26
C GLU A 811 11.39 10.95 -11.28
N LEU A 812 12.57 10.72 -10.70
CA LEU A 812 13.14 9.40 -10.53
C LEU A 812 13.93 9.33 -9.24
N PHE A 813 13.58 8.38 -8.36
CA PHE A 813 14.29 8.12 -7.12
C PHE A 813 15.10 6.83 -7.31
N LEU A 814 16.36 6.86 -6.87
CA LEU A 814 17.26 5.70 -6.91
C LEU A 814 18.07 5.64 -5.64
N ASP A 815 18.32 4.44 -5.16
CA ASP A 815 19.19 4.22 -4.01
C ASP A 815 19.74 2.79 -4.16
N ASP A 816 20.31 2.21 -3.11
CA ASP A 816 20.86 0.86 -3.19
C ASP A 816 19.76 -0.24 -3.28
N GLY A 817 18.49 0.15 -3.14
CA GLY A 817 17.35 -0.77 -3.25
C GLY A 817 16.92 -1.47 -1.98
N HIS A 818 17.64 -1.32 -0.84
CA HIS A 818 17.26 -2.10 0.33
C HIS A 818 17.65 -1.61 1.72
N THR A 819 18.50 -0.58 1.87
CA THR A 819 18.91 -0.13 3.21
C THR A 819 18.34 1.22 3.59
N PHE A 820 18.59 1.65 4.84
CA PHE A 820 18.22 3.00 5.27
C PHE A 820 19.30 4.03 4.91
N ASN A 821 20.29 3.66 4.06
CA ASN A 821 21.37 4.60 3.70
C ASN A 821 20.86 5.91 3.06
N TYR A 822 19.71 5.87 2.37
CA TYR A 822 19.11 7.08 1.80
C TYR A 822 18.80 8.11 2.90
N GLN A 823 18.45 7.65 4.11
CA GLN A 823 18.11 8.54 5.21
C GLN A 823 19.28 8.80 6.15
N THR A 824 20.09 7.79 6.48
CA THR A 824 21.20 7.95 7.43
C THR A 824 22.45 8.57 6.80
N ARG A 825 22.66 8.34 5.49
CA ARG A 825 23.85 8.83 4.78
C ARG A 825 23.54 9.72 3.59
N HIS A 826 22.24 9.96 3.30
CA HIS A 826 21.80 10.73 2.14
C HIS A 826 22.36 10.12 0.85
N GLU A 827 22.43 8.77 0.83
CA GLU A 827 22.90 8.04 -0.33
C GLU A 827 21.71 7.64 -1.20
N PHE A 828 21.35 8.54 -2.11
CA PHE A 828 20.26 8.34 -3.06
C PHE A 828 20.35 9.42 -4.11
N LEU A 829 19.51 9.29 -5.14
CA LEU A 829 19.36 10.32 -6.15
C LEU A 829 17.88 10.60 -6.29
N LEU A 830 17.53 11.87 -6.41
CA LEU A 830 16.18 12.26 -6.79
C LEU A 830 16.34 13.21 -7.98
N ARG A 831 16.05 12.70 -9.18
CA ARG A 831 16.22 13.50 -10.39
C ARG A 831 14.89 14.05 -10.85
N ARG A 832 14.94 15.23 -11.49
CA ARG A 832 13.79 15.80 -12.15
C ARG A 832 14.13 15.83 -13.64
N PHE A 833 13.24 15.28 -14.46
CA PHE A 833 13.37 15.34 -15.92
C PHE A 833 12.31 16.32 -16.39
N SER A 834 12.69 17.27 -17.24
CA SER A 834 11.73 18.28 -17.69
C SER A 834 11.94 18.55 -19.15
N PHE A 835 10.86 18.63 -19.89
CA PHE A 835 10.86 18.89 -21.32
C PHE A 835 10.07 20.17 -21.55
N SER A 836 10.63 21.11 -22.32
CA SER A 836 9.94 22.34 -22.71
C SER A 836 10.64 22.89 -23.95
N GLY A 837 9.86 23.47 -24.87
CA GLY A 837 10.41 24.02 -26.11
C GLY A 837 10.94 22.90 -26.98
N SER A 838 12.24 22.71 -27.02
N SER A 838 12.26 22.81 -27.05
CA SER A 838 12.74 21.54 -27.75
CA SER A 838 12.93 21.77 -27.85
C SER A 838 13.90 20.90 -26.99
C SER A 838 14.05 21.11 -27.00
N THR A 839 13.90 21.12 -25.67
CA THR A 839 14.94 20.67 -24.75
C THR A 839 14.44 19.80 -23.63
N LEU A 840 15.13 18.67 -23.44
CA LEU A 840 14.90 17.74 -22.33
C LEU A 840 16.07 17.97 -21.36
N VAL A 841 15.78 18.24 -20.09
CA VAL A 841 16.79 18.54 -19.07
C VAL A 841 16.66 17.61 -17.88
N SER A 842 17.82 17.16 -17.35
CA SER A 842 17.90 16.42 -16.10
C SER A 842 18.55 17.34 -15.10
N SER A 843 17.88 17.54 -13.96
CA SER A 843 18.41 18.36 -12.86
C SER A 843 18.15 17.63 -11.53
N SER A 844 18.82 18.07 -10.48
CA SER A 844 18.61 17.47 -9.17
C SER A 844 17.28 17.99 -8.57
N ALA A 845 16.41 17.09 -8.07
CA ALA A 845 15.19 17.49 -7.36
C ALA A 845 15.47 17.52 -5.84
N ASP A 846 16.66 17.06 -5.42
CA ASP A 846 17.11 17.08 -4.03
C ASP A 846 18.62 17.02 -4.02
N PRO A 847 19.29 18.19 -3.95
CA PRO A 847 20.77 18.20 -4.00
C PRO A 847 21.47 17.51 -2.83
N LYS A 848 20.75 17.17 -1.72
CA LYS A 848 21.38 16.48 -0.59
C LYS A 848 21.71 15.02 -0.92
N GLY A 849 21.00 14.47 -1.90
CA GLY A 849 21.18 13.08 -2.29
C GLY A 849 22.28 12.87 -3.29
N HIS A 850 23.29 12.09 -2.91
CA HIS A 850 24.40 11.72 -3.78
CA HIS A 850 24.42 11.72 -3.75
C HIS A 850 24.48 10.18 -3.81
N LEU A 851 24.80 9.61 -4.97
CA LEU A 851 24.88 8.14 -5.08
C LEU A 851 25.90 7.73 -6.11
N GLU A 852 26.79 6.81 -5.74
CA GLU A 852 27.75 6.23 -6.68
C GLU A 852 26.96 5.12 -7.37
N THR A 853 26.75 5.23 -8.67
CA THR A 853 25.96 4.26 -9.40
C THR A 853 26.42 4.12 -10.84
N PRO A 854 26.35 2.92 -11.42
CA PRO A 854 26.67 2.79 -12.86
C PRO A 854 25.46 3.10 -13.76
N ILE A 855 24.26 3.36 -13.17
CA ILE A 855 23.05 3.62 -13.96
C ILE A 855 23.23 4.80 -14.93
N TRP A 856 22.89 4.58 -16.20
CA TRP A 856 22.99 5.56 -17.26
C TRP A 856 21.68 5.62 -18.07
N ILE A 857 21.52 6.66 -18.88
CA ILE A 857 20.34 6.82 -19.73
C ILE A 857 20.63 6.19 -21.08
N GLU A 858 19.99 5.05 -21.39
CA GLU A 858 20.27 4.39 -22.66
C GLU A 858 19.37 4.82 -23.77
N ARG A 859 18.21 5.43 -23.47
CA ARG A 859 17.28 5.74 -24.53
C ARG A 859 16.25 6.73 -24.05
N VAL A 860 15.69 7.51 -25.00
CA VAL A 860 14.59 8.43 -24.73
C VAL A 860 13.56 8.19 -25.80
N VAL A 861 12.32 7.96 -25.39
CA VAL A 861 11.22 7.77 -26.33
C VAL A 861 10.31 8.98 -26.12
N ILE A 862 10.11 9.81 -27.17
CA ILE A 862 9.26 11.00 -27.06
C ILE A 862 8.02 10.83 -27.92
N MET A 863 6.85 10.82 -27.28
CA MET A 863 5.57 10.69 -27.93
C MET A 863 5.01 12.12 -28.14
N GLY A 864 4.59 12.40 -29.36
CA GLY A 864 4.03 13.70 -29.78
C GLY A 864 5.07 14.66 -30.33
N ALA A 865 6.20 14.12 -30.84
CA ALA A 865 7.29 14.96 -31.35
C ALA A 865 7.41 14.87 -32.85
N GLY A 866 7.82 15.98 -33.45
CA GLY A 866 8.11 16.06 -34.88
C GLY A 866 9.51 15.53 -35.12
N LYS A 867 9.90 15.38 -36.39
CA LYS A 867 11.23 14.88 -36.74
C LYS A 867 12.25 16.03 -36.66
N PRO A 868 13.29 15.89 -35.81
CA PRO A 868 14.29 16.96 -35.75
C PRO A 868 15.30 16.80 -36.89
N ALA A 869 16.13 17.82 -37.09
CA ALA A 869 17.24 17.77 -38.04
C ALA A 869 18.48 17.25 -37.30
N ALA A 870 18.61 17.57 -36.01
CA ALA A 870 19.77 17.16 -35.21
C ALA A 870 19.40 17.06 -33.75
N VAL A 871 20.11 16.21 -33.01
CA VAL A 871 19.89 15.99 -31.58
C VAL A 871 21.24 16.14 -30.90
N VAL A 872 21.32 17.07 -29.97
CA VAL A 872 22.56 17.42 -29.29
C VAL A 872 22.46 17.20 -27.79
N LEU A 873 23.42 16.50 -27.22
CA LEU A 873 23.50 16.29 -25.77
C LEU A 873 24.66 17.05 -25.16
N GLN A 874 24.37 17.81 -24.10
CA GLN A 874 25.38 18.56 -23.34
C GLN A 874 25.39 18.07 -21.90
N THR A 875 26.59 17.88 -21.34
CA THR A 875 26.76 17.48 -19.95
C THR A 875 28.13 17.94 -19.50
N LYS A 876 28.23 18.49 -18.28
CA LYS A 876 29.51 19.00 -17.75
C LYS A 876 30.55 17.89 -17.71
N GLY A 877 31.76 18.20 -18.20
CA GLY A 877 32.87 17.24 -18.21
C GLY A 877 33.02 16.47 -19.49
N SER A 878 32.10 16.66 -20.45
CA SER A 878 32.13 15.98 -21.74
C SER A 878 32.01 16.96 -22.88
N PRO A 879 32.55 16.64 -24.07
CA PRO A 879 32.28 17.50 -25.22
C PRO A 879 30.84 17.25 -25.65
N GLU A 880 30.32 18.17 -26.42
CA GLU A 880 28.98 18.11 -26.99
C GLU A 880 28.85 16.82 -27.83
N SER A 881 27.71 16.14 -27.66
CA SER A 881 27.50 14.88 -28.35
C SER A 881 26.36 15.01 -29.36
N ARG A 882 26.45 14.29 -30.48
CA ARG A 882 25.38 14.21 -31.47
C ARG A 882 24.79 12.81 -31.39
N LEU A 883 23.47 12.73 -31.18
CA LEU A 883 22.79 11.43 -31.06
C LEU A 883 22.08 11.07 -32.33
N SER A 884 22.10 9.78 -32.69
CA SER A 884 21.29 9.34 -33.83
C SER A 884 19.86 9.15 -33.30
N PHE A 885 18.90 9.10 -34.21
CA PHE A 885 17.50 8.99 -33.81
C PHE A 885 16.69 8.34 -34.87
N GLN A 886 15.53 7.81 -34.47
CA GLN A 886 14.56 7.22 -35.38
C GLN A 886 13.22 7.90 -35.13
N HIS A 887 12.45 8.11 -36.20
CA HIS A 887 11.16 8.77 -36.06
C HIS A 887 10.09 8.13 -36.90
N ASP A 888 8.91 7.89 -36.29
CA ASP A 888 7.77 7.32 -36.98
C ASP A 888 6.80 8.47 -37.26
N PRO A 889 6.62 8.88 -38.54
CA PRO A 889 5.74 10.03 -38.82
C PRO A 889 4.24 9.78 -38.59
N GLU A 890 3.81 8.53 -38.62
CA GLU A 890 2.43 8.12 -38.39
C GLU A 890 2.02 8.39 -36.91
N THR A 891 2.89 8.01 -35.97
CA THR A 891 2.64 8.15 -34.53
C THR A 891 3.30 9.34 -33.89
N SER A 892 4.23 10.01 -34.60
CA SER A 892 5.00 11.13 -34.04
C SER A 892 5.78 10.63 -32.79
N VAL A 893 6.43 9.48 -32.94
CA VAL A 893 7.29 8.92 -31.89
C VAL A 893 8.73 9.06 -32.35
N LEU A 894 9.55 9.68 -31.50
CA LEU A 894 10.95 9.95 -31.73
C LEU A 894 11.74 9.14 -30.72
N ILE A 895 12.69 8.35 -31.20
CA ILE A 895 13.52 7.52 -30.35
C ILE A 895 14.94 8.07 -30.41
N LEU A 896 15.50 8.49 -29.28
CA LEU A 896 16.86 9.00 -29.20
C LEU A 896 17.78 7.89 -28.76
N ARG A 897 18.76 7.59 -29.61
CA ARG A 897 19.68 6.49 -29.38
C ARG A 897 20.78 6.79 -28.40
N LYS A 898 20.91 5.90 -27.39
CA LYS A 898 22.05 5.87 -26.51
C LYS A 898 22.63 7.24 -26.05
N PRO A 899 21.86 8.03 -25.29
CA PRO A 899 22.44 9.27 -24.70
C PRO A 899 23.78 9.00 -23.97
N GLY A 900 23.86 7.87 -23.25
CA GLY A 900 25.10 7.43 -22.61
C GLY A 900 25.57 8.18 -21.39
N VAL A 901 24.72 9.03 -20.82
CA VAL A 901 25.07 9.85 -19.69
C VAL A 901 24.66 9.23 -18.37
N SER A 902 25.46 9.47 -17.32
CA SER A 902 25.14 8.99 -15.99
C SER A 902 23.83 9.62 -15.50
N VAL A 903 23.01 8.81 -14.81
CA VAL A 903 21.77 9.30 -14.21
C VAL A 903 22.06 10.29 -13.06
N ALA A 904 23.29 10.27 -12.51
CA ALA A 904 23.67 11.16 -11.41
C ALA A 904 24.05 12.57 -11.90
N SER A 905 24.20 12.74 -13.22
CA SER A 905 24.64 14.01 -13.79
C SER A 905 23.53 14.89 -14.31
N ASP A 906 23.77 16.21 -14.27
CA ASP A 906 22.88 17.15 -14.94
C ASP A 906 23.21 17.04 -16.43
N TRP A 907 22.21 17.12 -17.29
CA TRP A 907 22.41 17.10 -18.73
C TRP A 907 21.24 17.72 -19.45
N SER A 908 21.44 18.02 -20.72
CA SER A 908 20.36 18.55 -21.55
C SER A 908 20.48 17.94 -22.94
N ILE A 909 19.33 17.65 -23.56
CA ILE A 909 19.26 17.17 -24.93
C ILE A 909 18.43 18.20 -25.68
N HIS A 910 19.00 18.76 -26.75
CA HIS A 910 18.28 19.75 -27.57
CA HIS A 910 18.34 19.78 -27.59
C HIS A 910 17.96 19.16 -28.93
N LEU A 911 16.68 19.31 -29.33
CA LEU A 911 16.19 18.84 -30.62
C LEU A 911 16.24 20.06 -31.54
N ARG A 912 17.10 20.03 -32.56
CA ARG A 912 17.28 21.13 -33.51
C ARG A 912 16.41 20.94 -34.74
N ALA A 913 15.71 22.01 -35.17
CA ALA A 913 14.90 21.92 -36.40
C ALA A 913 15.77 22.11 -37.64
N SER A 914 17.00 22.68 -37.44
CA SER A 914 18.07 22.95 -38.43
C SER A 914 17.74 22.61 -39.89
N PHE B 1 44.37 5.31 -51.82
CA PHE B 1 45.48 5.28 -50.86
C PHE B 1 45.18 4.24 -49.75
N TYR B 2 44.37 4.59 -48.73
CA TYR B 2 43.99 3.63 -47.67
C TYR B 2 42.56 3.16 -47.91
N GLU B 3 42.33 1.84 -47.97
CA GLU B 3 40.98 1.29 -48.13
C GLU B 3 40.35 1.12 -46.74
N GLU B 4 39.10 1.59 -46.57
CA GLU B 4 38.36 1.49 -45.31
C GLU B 4 37.69 0.13 -45.19
N SER B 5 37.58 -0.38 -43.95
CA SER B 5 36.88 -1.63 -43.66
C SER B 5 35.39 -1.43 -43.86
N LYS B 6 34.66 -2.50 -44.23
CA LYS B 6 33.22 -2.38 -44.44
C LYS B 6 32.45 -2.39 -43.11
N PRO B 7 31.25 -1.76 -43.04
CA PRO B 7 30.47 -1.79 -41.78
C PRO B 7 29.80 -3.14 -41.49
N PHE B 8 29.16 -3.25 -40.33
CA PHE B 8 28.46 -4.48 -39.93
C PHE B 8 27.04 -4.44 -40.42
N THR B 9 26.54 -5.56 -40.94
CA THR B 9 25.13 -5.65 -41.33
C THR B 9 24.50 -6.69 -40.43
N CYS B 10 23.38 -6.33 -39.80
CA CYS B 10 22.57 -7.20 -38.94
C CYS B 10 22.30 -8.48 -39.71
N LEU B 11 22.33 -9.65 -39.04
CA LEU B 11 22.02 -10.93 -39.70
C LEU B 11 20.63 -10.94 -40.37
N ASP B 12 19.68 -10.09 -39.91
CA ASP B 12 18.33 -9.97 -40.49
C ASP B 12 18.21 -8.89 -41.60
N GLY B 13 19.33 -8.21 -41.92
CA GLY B 13 19.40 -7.15 -42.92
C GLY B 13 18.66 -5.86 -42.59
N THR B 14 18.25 -5.65 -41.31
CA THR B 14 17.47 -4.48 -40.90
C THR B 14 18.26 -3.18 -40.81
N ALA B 15 19.58 -3.27 -40.57
CA ALA B 15 20.42 -2.08 -40.49
C ALA B 15 21.87 -2.40 -40.78
N THR B 16 22.63 -1.35 -41.05
CA THR B 16 24.05 -1.39 -41.29
C THR B 16 24.63 -0.37 -40.36
N ILE B 17 25.54 -0.81 -39.52
CA ILE B 17 26.11 0.04 -38.50
C ILE B 17 27.61 -0.07 -38.50
N PRO B 18 28.38 0.91 -38.00
CA PRO B 18 29.82 0.71 -37.91
C PRO B 18 30.08 -0.36 -36.85
N PHE B 19 31.24 -1.01 -36.91
CA PHE B 19 31.58 -2.04 -35.95
C PHE B 19 31.72 -1.48 -34.50
N ASP B 20 31.80 -0.12 -34.34
CA ASP B 20 31.79 0.49 -33.00
C ASP B 20 30.41 0.37 -32.33
N GLN B 21 29.35 0.00 -33.08
CA GLN B 21 28.02 -0.23 -32.54
C GLN B 21 27.78 -1.73 -32.30
N VAL B 22 28.85 -2.55 -32.44
CA VAL B 22 28.79 -4.00 -32.16
C VAL B 22 29.29 -4.17 -30.75
N ASN B 23 28.49 -4.85 -29.90
CA ASN B 23 28.82 -5.00 -28.47
C ASN B 23 29.09 -3.65 -27.80
N ASP B 24 28.27 -2.63 -28.16
CA ASP B 24 28.42 -1.32 -27.56
C ASP B 24 27.38 -1.09 -26.47
N ASP B 25 26.69 -2.17 -26.03
CA ASP B 25 25.72 -2.12 -24.95
C ASP B 25 24.46 -1.28 -25.27
N TYR B 26 24.09 -1.25 -26.54
CA TYR B 26 22.84 -0.65 -27.04
C TYR B 26 22.35 -1.52 -28.18
N CYS B 27 21.09 -1.88 -28.16
CA CYS B 27 20.55 -2.75 -29.19
C CYS B 27 20.19 -2.03 -30.50
N ASP B 28 20.94 -2.35 -31.58
CA ASP B 28 20.75 -1.74 -32.89
C ASP B 28 20.09 -2.61 -33.93
N CYS B 29 20.09 -3.94 -33.72
CA CYS B 29 19.51 -4.92 -34.65
C CYS B 29 18.25 -5.53 -34.09
N LYS B 30 17.19 -5.64 -34.92
CA LYS B 30 15.93 -6.25 -34.51
C LYS B 30 16.11 -7.70 -34.07
N ASP B 31 17.09 -8.41 -34.63
CA ASP B 31 17.40 -9.81 -34.27
C ASP B 31 18.39 -9.95 -33.10
N GLY B 32 18.92 -8.82 -32.61
CA GLY B 32 19.90 -8.80 -31.52
C GLY B 32 21.32 -9.19 -31.90
N SER B 33 21.61 -9.31 -33.23
CA SER B 33 22.91 -9.81 -33.71
C SER B 33 24.09 -8.86 -33.49
N ASP B 34 23.84 -7.60 -33.18
CA ASP B 34 24.93 -6.66 -32.92
C ASP B 34 25.39 -6.76 -31.47
N GLU B 35 24.63 -7.45 -30.59
CA GLU B 35 25.03 -7.51 -29.16
C GLU B 35 25.14 -8.96 -28.62
N PRO B 36 25.95 -9.84 -29.26
CA PRO B 36 26.04 -11.21 -28.76
C PRO B 36 26.75 -11.31 -27.40
N GLY B 37 27.51 -10.28 -27.03
CA GLY B 37 28.29 -10.31 -25.80
C GLY B 37 27.76 -9.50 -24.65
N THR B 38 26.61 -8.84 -24.81
CA THR B 38 26.05 -7.96 -23.79
C THR B 38 24.60 -8.33 -23.47
N ALA B 39 24.01 -7.63 -22.51
CA ALA B 39 22.60 -7.80 -22.09
C ALA B 39 21.68 -6.76 -22.79
N ALA B 40 22.16 -6.09 -23.86
CA ALA B 40 21.42 -4.97 -24.43
C ALA B 40 20.18 -5.29 -25.23
N CYS B 41 20.11 -6.48 -25.87
CA CYS B 41 18.98 -6.81 -26.73
C CYS B 41 17.99 -7.74 -26.03
N PRO B 42 16.68 -7.50 -26.22
CA PRO B 42 15.66 -8.33 -25.56
C PRO B 42 15.51 -9.75 -26.14
N ASN B 43 16.06 -9.99 -27.35
CA ASN B 43 15.94 -11.29 -28.00
C ASN B 43 17.29 -11.85 -28.40
N GLY B 44 18.35 -11.33 -27.78
CA GLY B 44 19.69 -11.81 -28.06
C GLY B 44 20.00 -13.10 -27.33
N SER B 45 21.16 -13.68 -27.66
CA SER B 45 21.64 -14.87 -26.99
C SER B 45 23.12 -14.74 -26.76
N PHE B 46 23.60 -15.33 -25.68
CA PHE B 46 25.00 -15.29 -25.33
C PHE B 46 25.47 -16.73 -25.41
N HIS B 47 26.61 -16.92 -26.05
CA HIS B 47 27.20 -18.24 -26.23
C HIS B 47 28.21 -18.56 -25.12
N CYS B 48 27.94 -19.64 -24.34
CA CYS B 48 28.82 -20.19 -23.27
C CYS B 48 29.77 -21.10 -24.04
N THR B 49 31.00 -20.68 -24.24
CA THR B 49 31.96 -21.49 -25.00
C THR B 49 32.29 -22.80 -24.28
N ASN B 50 32.33 -22.78 -22.91
CA ASN B 50 32.56 -23.94 -22.04
C ASN B 50 33.67 -24.84 -22.60
N THR B 51 34.83 -24.24 -22.86
CA THR B 51 36.04 -24.87 -23.42
C THR B 51 36.27 -26.23 -22.77
N GLY B 52 36.29 -27.27 -23.60
CA GLY B 52 36.49 -28.64 -23.17
C GLY B 52 35.22 -29.44 -22.97
N TYR B 53 34.05 -28.76 -22.89
CA TYR B 53 32.75 -29.38 -22.59
C TYR B 53 31.67 -28.91 -23.55
N LYS B 54 30.41 -29.32 -23.34
CA LYS B 54 29.31 -28.95 -24.23
C LYS B 54 29.02 -27.44 -24.17
N PRO B 55 29.04 -26.73 -25.31
CA PRO B 55 28.66 -25.31 -25.28
C PRO B 55 27.14 -25.16 -25.13
N LEU B 56 26.70 -24.04 -24.55
CA LEU B 56 25.29 -23.73 -24.26
C LEU B 56 25.03 -22.29 -24.69
N TYR B 57 23.77 -21.96 -25.02
CA TYR B 57 23.38 -20.58 -25.30
C TYR B 57 22.44 -20.19 -24.17
N ILE B 58 22.53 -18.93 -23.72
CA ILE B 58 21.60 -18.43 -22.70
C ILE B 58 20.96 -17.14 -23.22
N LEU B 59 19.91 -16.68 -22.55
CA LEU B 59 19.28 -15.39 -22.86
C LEU B 59 20.28 -14.25 -22.64
N SER B 60 20.27 -13.22 -23.49
CA SER B 60 21.11 -12.03 -23.30
C SER B 60 20.83 -11.36 -21.94
N SER B 61 19.56 -11.40 -21.45
CA SER B 61 19.20 -10.80 -20.17
C SER B 61 19.93 -11.45 -18.99
N ARG B 62 20.60 -12.61 -19.23
CA ARG B 62 21.38 -13.31 -18.21
C ARG B 62 22.90 -12.99 -18.26
N VAL B 63 23.29 -12.02 -19.09
CA VAL B 63 24.68 -11.57 -19.18
C VAL B 63 24.85 -10.49 -18.13
N ASN B 64 25.80 -10.69 -17.20
CA ASN B 64 26.06 -9.73 -16.10
C ASN B 64 24.81 -9.44 -15.26
N ASP B 65 24.04 -10.48 -14.97
CA ASP B 65 22.87 -10.33 -14.09
C ASP B 65 23.24 -10.68 -12.65
N GLY B 66 24.51 -11.04 -12.41
CA GLY B 66 24.98 -11.46 -11.09
C GLY B 66 24.72 -12.92 -10.76
N VAL B 67 24.15 -13.68 -11.70
CA VAL B 67 23.84 -15.12 -11.50
C VAL B 67 24.77 -15.92 -12.42
N CYS B 68 25.33 -17.03 -11.93
CA CYS B 68 26.21 -17.88 -12.74
C CYS B 68 25.41 -18.80 -13.67
N ASP B 69 25.30 -18.45 -14.98
CA ASP B 69 24.54 -19.24 -15.96
C ASP B 69 25.38 -20.24 -16.77
N CYS B 70 26.55 -19.83 -17.22
CA CYS B 70 27.45 -20.69 -18.00
C CYS B 70 28.26 -21.50 -17.00
N CYS B 71 28.55 -22.80 -17.27
CA CYS B 71 29.45 -23.52 -16.35
C CYS B 71 30.86 -22.90 -16.32
N ASP B 72 31.29 -22.24 -17.44
CA ASP B 72 32.61 -21.57 -17.49
C ASP B 72 32.61 -20.18 -16.85
N GLY B 73 31.44 -19.69 -16.43
CA GLY B 73 31.28 -18.39 -15.78
C GLY B 73 31.50 -17.16 -16.65
N THR B 74 31.64 -17.34 -17.99
CA THR B 74 31.92 -16.23 -18.93
C THR B 74 30.77 -15.24 -19.09
N ASP B 75 29.54 -15.59 -18.66
CA ASP B 75 28.38 -14.66 -18.72
C ASP B 75 28.50 -13.56 -17.69
N GLU B 76 29.35 -13.78 -16.66
CA GLU B 76 29.56 -12.80 -15.58
C GLU B 76 30.97 -12.27 -15.69
N TYR B 77 31.14 -11.18 -16.45
CA TYR B 77 32.48 -10.64 -16.68
C TYR B 77 32.65 -9.23 -16.11
N ASN B 78 31.55 -8.54 -15.75
CA ASN B 78 31.62 -7.19 -15.18
C ASN B 78 30.45 -6.93 -14.21
N SER B 79 30.05 -7.93 -13.45
CA SER B 79 28.89 -7.76 -12.58
C SER B 79 29.17 -7.67 -11.09
N GLY B 80 30.35 -8.06 -10.65
CA GLY B 80 30.53 -8.13 -9.20
C GLY B 80 30.16 -9.47 -8.56
N THR B 81 29.76 -10.47 -9.40
CA THR B 81 29.63 -11.86 -9.01
C THR B 81 30.81 -12.51 -9.77
N VAL B 82 31.67 -13.20 -9.04
CA VAL B 82 32.81 -13.90 -9.63
C VAL B 82 32.39 -15.34 -9.67
N CYS B 83 32.17 -15.87 -10.86
CA CYS B 83 31.74 -17.25 -11.05
C CYS B 83 32.92 -18.19 -11.19
N GLU B 84 32.82 -19.36 -10.56
CA GLU B 84 33.85 -20.39 -10.67
C GLU B 84 33.52 -21.29 -11.84
N ASN B 85 34.54 -21.92 -12.44
CA ASN B 85 34.34 -22.87 -13.52
C ASN B 85 33.82 -24.17 -12.91
N THR B 86 32.61 -24.58 -13.28
CA THR B 86 31.98 -25.79 -12.76
C THR B 86 31.67 -26.78 -13.88
N CYS B 87 32.35 -26.68 -15.04
CA CYS B 87 32.01 -27.55 -16.17
C CYS B 87 32.22 -29.05 -15.91
N ARG B 88 33.19 -29.40 -15.07
CA ARG B 88 33.44 -30.80 -14.71
C ARG B 88 32.32 -31.39 -13.83
#